data_9DWM
#
_entry.id   9DWM
#
_cell.length_a   1.00
_cell.length_b   1.00
_cell.length_c   1.00
_cell.angle_alpha   90.00
_cell.angle_beta   90.00
_cell.angle_gamma   90.00
#
_symmetry.space_group_name_H-M   'P 1'
#
loop_
_entity.id
_entity.type
_entity.pdbx_description
1 polymer 'Histone H3.2'
2 polymer 'Histone H4'
3 polymer 'Histone H2A type 1'
4 polymer 'Histone H2B type 1-C/E/F/G/I'
5 polymer '601 I strand (damaged strand 1)'
6 polymer '601 J strand (non-damaged strand)'
7 polymer '601 K strand (damaged strand 2)'
8 polymer 'DNA polymerase beta'
#
loop_
_entity_poly.entity_id
_entity_poly.type
_entity_poly.pdbx_seq_one_letter_code
_entity_poly.pdbx_strand_id
1 'polypeptide(L)'
;ARTKQTARKSTGGKAPRKQLATKAARKSAPATGGVKKPHRYRPGTVALREIRRYQKSTELLIRKLPFQRLVREIAQDFKT
DLRFQSSAVMALQEASEAYLVGLFEDTNLAAIHAKRVTIMPKDIQLARRIRGERA
;
A,E
2 'polypeptide(L)'
;SGRGKGGKGLGKGGAKRHRKVLRDNIQGITKPAIRRLARRGGVKRISGLIYEETRGVLKVFLENVIRDAVTYTEHAKRKT
VTAMDVVYALKRQGRTLYGFGG
;
B,F
3 'polypeptide(L)'
;SGRGKQGGKARAKAKTRSSRAGLQFPVGRVHRLLRKGNYAERVGAGAPVYLAAVLEYLTAEILELAGNAARDNKKTRIIP
RHLQLAIRNDEELNKLLGKVTIAQGGVLPNIQAVLLPKKTESHHKAKGK
;
C,G
4 'polypeptide(L)'
;PEPAKSAPAPKKGSKKAVTKAQKKDGKKRKRSRKESYSVYVYKVLKQVHPDTGISSKAMGIMNSFVNDIFERIAGEASRL
AHYNKRSTITSREIQTAVRLLLPGELAKHAVSEGTKAVTKYTSSK
;
D,H
5 'polydeoxyribonucleotide'
;(DA)(DT)(DC)(DG)(DA)(DG)(DA)(DA)(DT)(DC)(DC)(DC)(DG)(DG)(DT)(DG)(DC)(DC)(DG)(DA)
(DG)(DG)(DC)(DC)(DG)(DC)(DT)(DC)(DA)(DA)(DT)(DT)(DG)(DG)(DT)(DC)(DG)(DT)(DA)(DG)
(DA)(DC)(DA)(DG)(DC)(DT)(DC)(DT)(DA)(DG)(DC)(DA)(DC)(DC)(DG)(DC)(DT)(DT)(DA)(DA)
(DA)(DC)(DG)(DC)(DA)(DC)(DG)(DT)(DA)(DC)(DG)(DC)(DG)(DC)(DT)(DG)(DT)(DC)(DC)(DC)
(DC)(DC)(DG)(DC)(DG)(DT)(DT)(DT)(DT)(DA)(DA)(DC)(DC)(DG)(DC)(DC)(DA)(DA)(DG)(DG)
(DG)(DG)(DA)(DT)(DT)(DA)(DC)(DT)(DC)(DC)(DC)(DT)(DA)(DG)(DT)(DC)(DT)(DC)(DC)(DA)
(DG)(DG)(DC)(DA)(DC)(DG)(DT)
;
I
6 'polydeoxyribonucleotide'
;(DA)(DT)(DC)(DG)(DG)(DA)(DT)(DG)(DT)(DA)(DT)(DA)(DT)(DA)(DT)(DC)(DT)(DG)(DA)(DC)
(DA)(DC)(DG)(DT)(DG)(DC)(DC)(DT)(DG)(DG)(DA)(DG)(DA)(DC)(DT)(DA)(DG)(DG)(DG)(DA)
(DG)(DT)(DA)(DA)(DT)(DC)(DC)(DC)(DC)(DT)(DT)(DG)(DG)(DC)(DG)(DG)(DT)(DT)(DA)(DA)
(DA)(DA)(DC)(DG)(DC)(DG)(DG)(DG)(DG)(DG)(DA)(DC)(DA)(DG)(DC)(DG)(DC)(DG)(DT)(DA)
(DC)(DG)(DT)(DG)(DC)(DG)(DT)(DT)(DT)(DA)(DA)(DG)(DC)(DG)(DG)(DT)(DG)(DC)(DT)(DA)
(DG)(DA)(DG)(DC)(DT)(DG)(DT)(DC)(DT)(DA)(DC)(DG)(DA)(DC)(DC)(DA)(DA)(DT)(DT)(DG)
(DA)(DG)(DC)(DG)(DG)(DC)(DC)(DT)(DC)(DG)(DG)(DC)(DA)(DC)(DC)(DG)(DG)(DG)(DA)(DT)
(DT)(DC)(DT)(DC)(DG)(DA)(DT)
;
J
7 'polydeoxyribonucleotide' (DT)(DC)(DA)(DG)(DA)(DT)(DA)(DT)(DA)(DT)(DC)(DC)(DA)(DT)(DC)(DC)(DG)(DA)(DT) K
8 'polypeptide(L)'
;MSKRKAPQETLNGGITDMLTELANFEKNVSQAIHKYNAYRKAASVIAKYPHKIKSGAEAKKLPGVGTKIAEKIDEFLATG
KLRKLEKIRQDDTSSSINFLTRVSGIGPSAARKFVDEGIKTLEDLRKNEDKLNHHQRIGLKYFGDFEKRIPREEMLQMQD
IVLNEVKKVDSEYIATVCGSFRRGAESSGDMDVLLTHPSFTSESTKQPKLLHQVVEQLQKVHFITDTLSKGETKFMGVCQ
LPSKNDEKEYPHRRIDIRLIPKDQYYCGVLYFTGSDIFNKNMRAHALEKGFTINEYTIRPLGVTGVAGEPLPVDSEKDIF
DYIQWKYREPKDRSE
;
L
#
loop_
_chem_comp.id
_chem_comp.type
_chem_comp.name
_chem_comp.formula
DA DNA linking 2'-DEOXYADENOSINE-5'-MONOPHOSPHATE 'C10 H14 N5 O6 P'
DC DNA linking 2'-DEOXYCYTIDINE-5'-MONOPHOSPHATE 'C9 H14 N3 O7 P'
DG DNA linking 2'-DEOXYGUANOSINE-5'-MONOPHOSPHATE 'C10 H14 N5 O7 P'
DT DNA linking THYMIDINE-5'-MONOPHOSPHATE 'C10 H15 N2 O8 P'
#
# COMPACT_ATOMS: atom_id res chain seq x y z
N PRO A 38 -40.98 -37.90 -5.52
CA PRO A 38 -40.24 -39.00 -4.90
C PRO A 38 -40.10 -38.82 -3.39
N HIS A 39 -38.88 -38.94 -2.89
CA HIS A 39 -38.61 -38.82 -1.45
C HIS A 39 -38.76 -37.35 -1.05
N ARG A 40 -39.85 -37.03 -0.36
CA ARG A 40 -40.07 -35.66 0.10
C ARG A 40 -39.12 -35.35 1.25
N TYR A 41 -38.31 -34.31 1.08
CA TYR A 41 -37.33 -33.95 2.10
C TYR A 41 -38.03 -33.35 3.32
N ARG A 42 -37.31 -33.30 4.42
CA ARG A 42 -37.86 -32.76 5.65
C ARG A 42 -38.09 -31.26 5.51
N PRO A 43 -38.99 -30.70 6.31
CA PRO A 43 -39.26 -29.26 6.20
C PRO A 43 -38.04 -28.43 6.55
N GLY A 44 -37.54 -27.69 5.56
CA GLY A 44 -36.34 -26.91 5.73
C GLY A 44 -35.05 -27.69 5.60
N THR A 45 -35.12 -29.00 5.30
CA THR A 45 -33.90 -29.78 5.14
C THR A 45 -33.04 -29.23 4.02
N VAL A 46 -33.65 -28.88 2.89
CA VAL A 46 -32.93 -28.16 1.84
C VAL A 46 -32.51 -26.79 2.34
N ALA A 47 -33.40 -26.11 3.06
CA ALA A 47 -33.08 -24.78 3.56
C ALA A 47 -31.92 -24.82 4.54
N LEU A 48 -31.97 -25.75 5.50
CA LEU A 48 -30.83 -25.91 6.40
C LEU A 48 -29.59 -26.34 5.64
N ARG A 49 -29.77 -27.13 4.60
CA ARG A 49 -28.66 -27.48 3.73
C ARG A 49 -28.22 -26.27 2.93
N GLU A 50 -27.00 -26.36 2.39
CA GLU A 50 -26.36 -25.35 1.55
C GLU A 50 -26.00 -24.09 2.32
N ILE A 51 -26.41 -23.97 3.59
CA ILE A 51 -25.93 -22.86 4.41
C ILE A 51 -24.42 -22.97 4.58
N ARG A 52 -23.93 -24.19 4.84
CA ARG A 52 -22.50 -24.42 4.86
C ARG A 52 -21.88 -24.21 3.49
N ARG A 53 -22.59 -24.56 2.42
CA ARG A 53 -22.04 -24.44 1.08
C ARG A 53 -21.81 -22.98 0.70
N TYR A 54 -22.82 -22.14 0.88
CA TYR A 54 -22.69 -20.73 0.55
C TYR A 54 -21.93 -19.95 1.61
N GLN A 55 -21.80 -20.50 2.82
CA GLN A 55 -21.02 -19.83 3.85
C GLN A 55 -19.54 -19.80 3.48
N LYS A 56 -19.03 -20.88 2.90
CA LYS A 56 -17.64 -20.95 2.48
C LYS A 56 -17.42 -20.34 1.10
N SER A 57 -18.47 -19.86 0.45
CA SER A 57 -18.34 -19.30 -0.88
C SER A 57 -17.60 -17.98 -0.86
N THR A 58 -16.92 -17.67 -1.96
CA THR A 58 -16.24 -16.39 -2.13
C THR A 58 -16.68 -15.69 -3.41
N GLU A 59 -17.73 -16.17 -4.07
CA GLU A 59 -18.21 -15.54 -5.28
C GLU A 59 -19.07 -14.32 -4.94
N LEU A 60 -19.47 -13.59 -5.99
CA LEU A 60 -20.23 -12.37 -5.79
C LEU A 60 -21.68 -12.67 -5.42
N LEU A 61 -22.26 -13.72 -6.00
CA LEU A 61 -23.64 -14.12 -5.76
C LEU A 61 -24.63 -13.00 -6.11
N ILE A 62 -24.34 -12.25 -7.15
CA ILE A 62 -25.24 -11.20 -7.63
C ILE A 62 -25.03 -11.03 -9.13
N ARG A 63 -26.13 -10.82 -9.86
CA ARG A 63 -26.05 -10.64 -11.30
C ARG A 63 -25.30 -9.35 -11.62
N LYS A 64 -24.34 -9.45 -12.54
CA LYS A 64 -23.40 -8.34 -12.76
C LYS A 64 -24.05 -7.21 -13.55
N LEU A 65 -24.54 -7.52 -14.75
CA LEU A 65 -25.11 -6.49 -15.61
C LEU A 65 -26.24 -5.73 -14.92
N PRO A 66 -27.14 -6.38 -14.18
CA PRO A 66 -28.12 -5.61 -13.40
C PRO A 66 -27.47 -4.65 -12.42
N PHE A 67 -26.38 -5.06 -11.76
CA PHE A 67 -25.71 -4.16 -10.83
C PHE A 67 -25.12 -2.97 -11.56
N GLN A 68 -24.53 -3.19 -12.74
CA GLN A 68 -23.99 -2.08 -13.51
C GLN A 68 -25.09 -1.12 -13.93
N ARG A 69 -26.23 -1.66 -14.37
CA ARG A 69 -27.34 -0.80 -14.76
C ARG A 69 -27.84 0.00 -13.58
N LEU A 70 -27.95 -0.62 -12.41
CA LEU A 70 -28.39 0.10 -11.23
C LEU A 70 -27.41 1.20 -10.86
N VAL A 71 -26.11 0.93 -10.96
CA VAL A 71 -25.10 1.93 -10.63
C VAL A 71 -25.23 3.11 -11.56
N ARG A 72 -25.36 2.86 -12.86
CA ARG A 72 -25.48 3.94 -13.83
C ARG A 72 -26.74 4.76 -13.58
N GLU A 73 -27.87 4.08 -13.33
CA GLU A 73 -29.14 4.80 -13.13
C GLU A 73 -29.08 5.68 -11.89
N ILE A 74 -28.53 5.16 -10.79
CA ILE A 74 -28.41 5.96 -9.59
C ILE A 74 -27.46 7.12 -9.84
N ALA A 75 -26.41 6.90 -10.63
CA ALA A 75 -25.45 7.96 -10.89
C ALA A 75 -26.03 9.06 -11.77
N GLN A 76 -27.01 8.72 -12.60
CA GLN A 76 -27.52 9.69 -13.58
C GLN A 76 -28.13 10.92 -12.93
N ASP A 77 -28.48 10.86 -11.65
CA ASP A 77 -29.12 11.99 -10.99
C ASP A 77 -28.14 13.03 -10.47
N PHE A 78 -26.88 12.65 -10.23
CA PHE A 78 -25.94 13.58 -9.62
C PHE A 78 -25.38 14.56 -10.64
N LYS A 79 -24.69 14.05 -11.66
CA LYS A 79 -24.14 14.86 -12.73
C LYS A 79 -24.46 14.20 -14.05
N THR A 80 -24.18 14.90 -15.14
CA THR A 80 -24.57 14.45 -16.47
C THR A 80 -23.40 13.78 -17.18
N ASP A 81 -23.62 12.54 -17.62
CA ASP A 81 -22.74 11.84 -18.57
C ASP A 81 -21.32 11.69 -18.02
N LEU A 82 -21.21 10.88 -16.98
CA LEU A 82 -19.91 10.57 -16.37
C LEU A 82 -19.54 9.12 -16.69
N ARG A 83 -18.32 8.92 -17.15
CA ARG A 83 -17.82 7.58 -17.47
C ARG A 83 -17.38 6.86 -16.20
N PHE A 84 -17.31 5.54 -16.28
CA PHE A 84 -16.93 4.71 -15.14
C PHE A 84 -15.99 3.61 -15.58
N GLN A 85 -15.17 3.13 -14.64
CA GLN A 85 -14.23 2.05 -14.87
C GLN A 85 -14.78 0.76 -14.27
N SER A 86 -14.51 -0.35 -14.96
CA SER A 86 -15.12 -1.63 -14.59
C SER A 86 -14.66 -2.09 -13.21
N SER A 87 -13.37 -1.92 -12.91
CA SER A 87 -12.86 -2.35 -11.61
C SER A 87 -13.55 -1.60 -10.48
N ALA A 88 -13.80 -0.31 -10.68
CA ALA A 88 -14.52 0.46 -9.68
C ALA A 88 -15.92 -0.07 -9.45
N VAL A 89 -16.62 -0.44 -10.53
CA VAL A 89 -17.95 -1.01 -10.40
C VAL A 89 -17.89 -2.32 -9.61
N MET A 90 -16.90 -3.16 -9.91
CA MET A 90 -16.76 -4.41 -9.18
C MET A 90 -16.52 -4.16 -7.69
N ALA A 91 -15.65 -3.20 -7.37
CA ALA A 91 -15.38 -2.90 -5.97
C ALA A 91 -16.61 -2.37 -5.27
N LEU A 92 -17.40 -1.52 -5.95
CA LEU A 92 -18.63 -1.03 -5.37
C LEU A 92 -19.58 -2.17 -5.07
N GLN A 93 -19.68 -3.12 -5.99
CA GLN A 93 -20.51 -4.30 -5.75
C GLN A 93 -20.02 -5.07 -4.54
N GLU A 94 -18.70 -5.21 -4.40
CA GLU A 94 -18.15 -5.95 -3.28
C GLU A 94 -18.51 -5.29 -1.95
N ALA A 95 -18.33 -3.97 -1.87
CA ALA A 95 -18.65 -3.27 -0.64
C ALA A 95 -20.13 -3.35 -0.33
N SER A 96 -20.98 -3.23 -1.35
CA SER A 96 -22.41 -3.32 -1.13
C SER A 96 -22.80 -4.69 -0.60
N GLU A 97 -22.22 -5.75 -1.17
CA GLU A 97 -22.51 -7.09 -0.70
C GLU A 97 -22.08 -7.25 0.76
N ALA A 98 -20.93 -6.70 1.11
CA ALA A 98 -20.46 -6.80 2.49
C ALA A 98 -21.42 -6.13 3.45
N TYR A 99 -21.84 -4.90 3.12
CA TYR A 99 -22.72 -4.17 4.03
C TYR A 99 -24.07 -4.87 4.17
N LEU A 100 -24.62 -5.33 3.05
CA LEU A 100 -25.92 -6.00 3.11
C LEU A 100 -25.83 -7.28 3.92
N VAL A 101 -24.74 -8.05 3.73
CA VAL A 101 -24.59 -9.29 4.48
C VAL A 101 -24.50 -9.00 5.97
N GLY A 102 -23.72 -8.00 6.34
CA GLY A 102 -23.61 -7.66 7.76
C GLY A 102 -24.94 -7.25 8.36
N LEU A 103 -25.69 -6.40 7.65
CA LEU A 103 -26.98 -5.97 8.17
C LEU A 103 -27.94 -7.13 8.32
N PHE A 104 -28.00 -8.02 7.33
CA PHE A 104 -28.92 -9.15 7.41
C PHE A 104 -28.55 -10.09 8.55
N GLU A 105 -27.25 -10.37 8.72
CA GLU A 105 -26.83 -11.26 9.79
C GLU A 105 -27.14 -10.66 11.17
N ASP A 106 -26.87 -9.37 11.33
CA ASP A 106 -27.20 -8.72 12.60
C ASP A 106 -28.69 -8.74 12.85
N THR A 107 -29.49 -8.54 11.79
CA THR A 107 -30.94 -8.58 11.95
C THR A 107 -31.41 -9.96 12.39
N ASN A 108 -30.84 -11.01 11.80
CA ASN A 108 -31.21 -12.37 12.20
C ASN A 108 -30.85 -12.63 13.66
N LEU A 109 -29.66 -12.19 14.07
CA LEU A 109 -29.24 -12.40 15.45
C LEU A 109 -30.17 -11.67 16.41
N ALA A 110 -30.54 -10.44 16.06
CA ALA A 110 -31.46 -9.68 16.92
C ALA A 110 -32.83 -10.34 16.98
N ALA A 111 -33.31 -10.83 15.84
CA ALA A 111 -34.61 -11.49 15.82
C ALA A 111 -34.60 -12.81 16.57
N ILE A 112 -33.43 -13.42 16.74
CA ILE A 112 -33.34 -14.62 17.56
C ILE A 112 -33.80 -14.33 18.98
N HIS A 113 -33.47 -13.15 19.49
CA HIS A 113 -33.87 -12.75 20.83
C HIS A 113 -35.39 -12.59 20.95
N ALA A 114 -36.10 -12.55 19.84
CA ALA A 114 -37.55 -12.47 19.87
C ALA A 114 -38.20 -13.84 19.99
N LYS A 115 -37.41 -14.90 20.08
CA LYS A 115 -37.93 -16.28 20.15
C LYS A 115 -38.80 -16.60 18.94
N ARG A 116 -38.41 -16.07 17.79
CA ARG A 116 -39.10 -16.31 16.54
C ARG A 116 -38.11 -16.83 15.51
N VAL A 117 -38.61 -17.62 14.56
CA VAL A 117 -37.76 -18.28 13.58
C VAL A 117 -37.86 -17.64 12.20
N THR A 118 -38.65 -16.59 12.03
CA THR A 118 -38.80 -15.93 10.74
C THR A 118 -38.47 -14.45 10.87
N ILE A 119 -37.53 -13.99 10.04
CA ILE A 119 -37.14 -12.57 10.06
C ILE A 119 -38.25 -11.73 9.45
N MET A 120 -38.56 -10.61 10.08
CA MET A 120 -39.65 -9.75 9.66
C MET A 120 -39.15 -8.33 9.50
N PRO A 121 -39.87 -7.50 8.75
CA PRO A 121 -39.40 -6.12 8.51
C PRO A 121 -39.24 -5.30 9.78
N LYS A 122 -40.08 -5.53 10.79
CA LYS A 122 -39.92 -4.82 12.05
C LYS A 122 -38.56 -5.11 12.68
N ASP A 123 -38.09 -6.35 12.55
CA ASP A 123 -36.79 -6.70 13.11
C ASP A 123 -35.67 -5.93 12.45
N ILE A 124 -35.69 -5.83 11.11
CA ILE A 124 -34.66 -5.07 10.42
C ILE A 124 -34.76 -3.60 10.80
N GLN A 125 -35.99 -3.10 10.98
CA GLN A 125 -36.15 -1.72 11.41
C GLN A 125 -35.48 -1.48 12.75
N LEU A 126 -35.73 -2.38 13.71
CA LEU A 126 -35.13 -2.23 15.03
C LEU A 126 -33.61 -2.34 14.96
N ALA A 127 -33.11 -3.23 14.12
CA ALA A 127 -31.67 -3.39 13.98
C ALA A 127 -31.03 -2.13 13.43
N ARG A 128 -31.64 -1.53 12.41
CA ARG A 128 -31.09 -0.30 11.86
C ARG A 128 -31.15 0.84 12.88
N ARG A 129 -32.25 0.92 13.63
CA ARG A 129 -32.38 2.00 14.61
C ARG A 129 -31.35 1.86 15.73
N ILE A 130 -31.14 0.64 16.22
CA ILE A 130 -30.15 0.45 17.29
C ILE A 130 -28.73 0.51 16.78
N ARG A 131 -28.53 0.35 15.47
CA ARG A 131 -27.18 0.40 14.91
C ARG A 131 -26.57 1.79 14.95
N GLY A 132 -27.37 2.82 15.21
CA GLY A 132 -26.88 4.18 15.26
C GLY A 132 -26.86 4.90 13.93
N GLU A 133 -27.13 4.21 12.83
CA GLU A 133 -27.14 4.82 11.51
C GLU A 133 -28.54 5.23 11.05
N ARG A 134 -29.53 5.10 11.92
CA ARG A 134 -30.90 5.47 11.56
C ARG A 134 -31.05 6.96 11.38
N ASP B 24 -35.59 2.78 -12.29
CA ASP B 24 -36.50 1.81 -12.86
C ASP B 24 -35.88 0.41 -12.83
N ASN B 25 -34.55 0.37 -12.78
CA ASN B 25 -33.83 -0.89 -12.75
C ASN B 25 -33.70 -1.48 -11.36
N ILE B 26 -34.25 -0.82 -10.34
CA ILE B 26 -34.10 -1.27 -8.97
C ILE B 26 -34.74 -2.63 -8.73
N GLN B 27 -35.67 -3.03 -9.59
CA GLN B 27 -36.28 -4.34 -9.48
C GLN B 27 -35.40 -5.45 -10.05
N GLY B 28 -34.20 -5.11 -10.53
CA GLY B 28 -33.32 -6.11 -11.12
C GLY B 28 -32.82 -7.14 -10.13
N ILE B 29 -32.61 -6.75 -8.88
CA ILE B 29 -32.10 -7.67 -7.87
C ILE B 29 -33.15 -8.74 -7.63
N THR B 30 -32.89 -9.95 -8.08
CA THR B 30 -33.87 -11.02 -8.04
C THR B 30 -34.16 -11.44 -6.60
N LYS B 31 -35.42 -11.81 -6.35
CA LYS B 31 -35.78 -12.34 -5.05
C LYS B 31 -34.95 -13.54 -4.67
N PRO B 32 -34.70 -14.51 -5.56
CA PRO B 32 -33.77 -15.58 -5.22
C PRO B 32 -32.37 -15.08 -4.88
N ALA B 33 -31.93 -13.99 -5.52
CA ALA B 33 -30.60 -13.47 -5.23
C ALA B 33 -30.51 -12.94 -3.80
N ILE B 34 -31.47 -12.12 -3.39
CA ILE B 34 -31.46 -11.59 -2.03
C ILE B 34 -31.66 -12.72 -1.04
N ARG B 35 -32.48 -13.70 -1.40
CA ARG B 35 -32.64 -14.87 -0.53
C ARG B 35 -31.33 -15.59 -0.34
N ARG B 36 -30.56 -15.76 -1.42
CA ARG B 36 -29.27 -16.41 -1.32
C ARG B 36 -28.32 -15.59 -0.44
N LEU B 37 -28.34 -14.27 -0.61
CA LEU B 37 -27.45 -13.43 0.19
C LEU B 37 -27.76 -13.56 1.67
N ALA B 38 -29.04 -13.49 2.02
CA ALA B 38 -29.42 -13.61 3.42
C ALA B 38 -29.12 -15.01 3.95
N ARG B 39 -29.28 -16.04 3.12
CA ARG B 39 -28.95 -17.39 3.54
C ARG B 39 -27.46 -17.51 3.84
N ARG B 40 -26.62 -16.89 3.01
CA ARG B 40 -25.20 -16.84 3.32
C ARG B 40 -24.95 -16.04 4.58
N GLY B 41 -25.85 -15.10 4.92
CA GLY B 41 -25.68 -14.36 6.14
C GLY B 41 -25.97 -15.16 7.40
N GLY B 42 -26.66 -16.29 7.28
CA GLY B 42 -26.98 -17.08 8.44
C GLY B 42 -28.39 -16.90 8.98
N VAL B 43 -29.38 -16.99 8.09
CA VAL B 43 -30.77 -16.87 8.49
C VAL B 43 -31.42 -18.24 8.41
N LYS B 44 -32.71 -18.32 8.71
CA LYS B 44 -33.42 -19.59 8.63
C LYS B 44 -34.72 -19.48 7.84
N ARG B 45 -35.40 -18.35 7.93
CA ARG B 45 -36.67 -18.16 7.23
C ARG B 45 -36.85 -16.68 6.93
N ILE B 46 -37.26 -16.37 5.71
CA ILE B 46 -37.43 -15.00 5.25
C ILE B 46 -38.92 -14.77 4.96
N SER B 47 -39.50 -13.77 5.60
CA SER B 47 -40.92 -13.47 5.43
C SER B 47 -41.13 -12.74 4.11
N GLY B 48 -42.34 -12.22 3.91
CA GLY B 48 -42.68 -11.63 2.64
C GLY B 48 -42.13 -10.23 2.41
N LEU B 49 -42.47 -9.30 3.31
CA LEU B 49 -42.18 -7.89 3.07
C LEU B 49 -40.69 -7.57 3.05
N ILE B 50 -39.86 -8.44 3.64
CA ILE B 50 -38.43 -8.15 3.75
C ILE B 50 -37.79 -8.05 2.38
N TYR B 51 -38.26 -8.87 1.44
CA TYR B 51 -37.69 -8.85 0.09
C TYR B 51 -37.86 -7.48 -0.56
N GLU B 52 -39.05 -6.88 -0.41
CA GLU B 52 -39.23 -5.53 -0.92
C GLU B 52 -38.46 -4.52 -0.09
N GLU B 53 -38.42 -4.71 1.23
CA GLU B 53 -37.85 -3.69 2.11
C GLU B 53 -36.34 -3.56 1.93
N THR B 54 -35.67 -4.65 1.52
CA THR B 54 -34.22 -4.58 1.35
C THR B 54 -33.83 -3.57 0.28
N ARG B 55 -34.72 -3.34 -0.69
CA ARG B 55 -34.41 -2.42 -1.78
C ARG B 55 -34.15 -1.01 -1.26
N GLY B 56 -34.94 -0.56 -0.29
CA GLY B 56 -34.74 0.77 0.25
C GLY B 56 -33.37 0.93 0.89
N VAL B 57 -32.95 -0.04 1.69
CA VAL B 57 -31.65 0.04 2.34
C VAL B 57 -30.54 0.05 1.29
N LEU B 58 -30.64 -0.83 0.30
CA LEU B 58 -29.60 -0.89 -0.73
C LEU B 58 -29.49 0.42 -1.48
N LYS B 59 -30.64 0.98 -1.87
CA LYS B 59 -30.62 2.24 -2.61
C LYS B 59 -30.09 3.39 -1.76
N VAL B 60 -30.47 3.43 -0.48
CA VAL B 60 -30.01 4.52 0.38
C VAL B 60 -28.51 4.48 0.54
N PHE B 61 -27.96 3.30 0.84
CA PHE B 61 -26.52 3.17 1.02
C PHE B 61 -25.79 3.49 -0.28
N LEU B 62 -26.27 2.95 -1.40
CA LEU B 62 -25.58 3.18 -2.67
C LEU B 62 -25.58 4.65 -3.05
N GLU B 63 -26.71 5.34 -2.83
CA GLU B 63 -26.77 6.75 -3.15
C GLU B 63 -25.84 7.57 -2.25
N ASN B 64 -25.89 7.32 -0.95
CA ASN B 64 -25.06 8.07 -0.02
C ASN B 64 -23.59 7.81 -0.25
N VAL B 65 -23.23 6.72 -0.93
CA VAL B 65 -21.85 6.50 -1.32
C VAL B 65 -21.52 7.19 -2.64
N ILE B 66 -22.35 6.95 -3.65
CA ILE B 66 -22.01 7.36 -5.01
C ILE B 66 -21.98 8.88 -5.14
N ARG B 67 -22.86 9.57 -4.40
CA ARG B 67 -22.87 11.03 -4.50
C ARG B 67 -21.55 11.63 -4.06
N ASP B 68 -21.06 11.22 -2.89
CA ASP B 68 -19.77 11.71 -2.41
C ASP B 68 -18.63 11.26 -3.31
N ALA B 69 -18.72 10.03 -3.83
CA ALA B 69 -17.67 9.55 -4.72
C ALA B 69 -17.57 10.42 -5.96
N VAL B 70 -18.71 10.74 -6.57
CA VAL B 70 -18.70 11.57 -7.76
C VAL B 70 -18.22 12.97 -7.44
N THR B 71 -18.57 13.49 -6.26
CA THR B 71 -18.09 14.81 -5.88
C THR B 71 -16.58 14.84 -5.77
N TYR B 72 -16.01 13.83 -5.11
CA TYR B 72 -14.56 13.75 -5.00
C TYR B 72 -13.91 13.58 -6.36
N THR B 73 -14.56 12.85 -7.25
CA THR B 73 -14.04 12.69 -8.61
C THR B 73 -14.03 14.02 -9.34
N GLU B 74 -15.13 14.76 -9.25
CA GLU B 74 -15.24 16.02 -9.99
C GLU B 74 -14.32 17.08 -9.44
N HIS B 75 -13.98 17.01 -8.15
CA HIS B 75 -13.08 18.00 -7.57
C HIS B 75 -11.72 18.03 -8.24
N ALA B 76 -11.34 16.95 -8.92
CA ALA B 76 -10.07 16.89 -9.63
C ALA B 76 -10.19 17.33 -11.08
N LYS B 77 -11.36 17.83 -11.48
CA LYS B 77 -11.61 18.28 -12.85
C LYS B 77 -11.34 17.17 -13.86
N ARG B 78 -11.70 15.94 -13.50
CA ARG B 78 -11.67 14.79 -14.39
C ARG B 78 -13.09 14.51 -14.89
N LYS B 79 -13.28 13.38 -15.58
CA LYS B 79 -14.59 13.04 -16.10
C LYS B 79 -15.02 11.61 -15.83
N THR B 80 -14.10 10.67 -15.63
CA THR B 80 -14.44 9.29 -15.39
C THR B 80 -14.17 8.93 -13.94
N VAL B 81 -15.04 8.11 -13.36
CA VAL B 81 -14.87 7.70 -11.97
C VAL B 81 -13.69 6.76 -11.86
N THR B 82 -12.79 7.06 -10.93
CA THR B 82 -11.60 6.26 -10.71
C THR B 82 -11.78 5.39 -9.48
N ALA B 83 -11.15 4.22 -9.49
CA ALA B 83 -11.29 3.29 -8.38
C ALA B 83 -10.74 3.88 -7.09
N MET B 84 -9.60 4.57 -7.18
CA MET B 84 -9.04 5.24 -6.00
C MET B 84 -10.02 6.25 -5.41
N ASP B 85 -10.81 6.89 -6.26
CA ASP B 85 -11.82 7.82 -5.76
C ASP B 85 -12.84 7.08 -4.90
N VAL B 86 -13.30 5.92 -5.34
CA VAL B 86 -14.27 5.16 -4.56
C VAL B 86 -13.64 4.69 -3.26
N VAL B 87 -12.37 4.27 -3.31
CA VAL B 87 -11.70 3.82 -2.10
C VAL B 87 -11.60 4.95 -1.09
N TYR B 88 -11.16 6.13 -1.54
CA TYR B 88 -11.03 7.27 -0.64
C TYR B 88 -12.39 7.69 -0.09
N ALA B 89 -13.43 7.66 -0.93
CA ALA B 89 -14.76 8.02 -0.45
C ALA B 89 -15.25 7.03 0.60
N LEU B 90 -15.05 5.74 0.38
CA LEU B 90 -15.47 4.75 1.37
C LEU B 90 -14.72 4.94 2.67
N LYS B 91 -13.43 5.26 2.59
CA LYS B 91 -12.64 5.53 3.79
C LYS B 91 -13.20 6.73 4.54
N ARG B 92 -13.48 7.83 3.82
CA ARG B 92 -14.10 8.97 4.44
C ARG B 92 -15.54 8.68 4.84
N GLN B 93 -16.13 7.62 4.30
CA GLN B 93 -17.44 7.18 4.73
C GLN B 93 -17.38 6.29 5.96
N GLY B 94 -16.20 6.02 6.49
CA GLY B 94 -16.06 5.23 7.68
C GLY B 94 -16.02 3.73 7.46
N ARG B 95 -15.97 3.28 6.21
CA ARG B 95 -15.85 1.86 5.89
C ARG B 95 -14.67 1.71 4.95
N THR B 96 -13.55 1.22 5.46
CA THR B 96 -12.35 1.00 4.67
C THR B 96 -12.30 -0.44 4.20
N LEU B 97 -12.15 -0.63 2.88
CA LEU B 97 -12.08 -1.96 2.27
C LEU B 97 -10.76 -2.05 1.53
N TYR B 98 -9.78 -2.70 2.14
CA TYR B 98 -8.45 -2.80 1.57
C TYR B 98 -8.40 -3.99 0.63
N GLY B 99 -7.83 -3.79 -0.55
CA GLY B 99 -7.67 -4.87 -1.50
C GLY B 99 -7.94 -4.46 -2.93
N PHE B 100 -8.76 -3.44 -3.14
CA PHE B 100 -9.11 -3.00 -4.48
C PHE B 100 -8.12 -1.99 -5.04
N GLY B 101 -6.89 -1.98 -4.55
CA GLY B 101 -5.87 -1.07 -5.05
C GLY B 101 -6.12 0.36 -4.64
N ARG C 11 0.87 56.89 4.50
CA ARG C 11 0.28 55.78 5.26
C ARG C 11 -1.03 56.20 5.92
N ALA C 12 -2.14 55.92 5.25
CA ALA C 12 -3.45 56.25 5.77
C ALA C 12 -3.92 55.19 6.76
N LYS C 13 -5.13 55.37 7.28
CA LYS C 13 -5.70 54.42 8.22
C LYS C 13 -6.04 53.12 7.49
N ALA C 14 -5.21 52.10 7.69
CA ALA C 14 -5.40 50.83 7.01
C ALA C 14 -6.62 50.11 7.58
N LYS C 15 -7.27 49.33 6.72
CA LYS C 15 -8.45 48.57 7.09
C LYS C 15 -8.09 47.10 7.20
N THR C 16 -8.62 46.44 8.23
CA THR C 16 -8.36 45.02 8.41
C THR C 16 -9.00 44.22 7.29
N ARG C 17 -8.51 42.99 7.11
CA ARG C 17 -9.01 42.15 6.04
C ARG C 17 -10.50 41.88 6.21
N SER C 18 -10.93 41.58 7.43
CA SER C 18 -12.36 41.42 7.69
C SER C 18 -13.11 42.71 7.46
N SER C 19 -12.51 43.84 7.85
CA SER C 19 -13.11 45.14 7.55
C SER C 19 -13.15 45.38 6.06
N ARG C 20 -12.10 44.97 5.34
CA ARG C 20 -12.08 45.16 3.89
C ARG C 20 -13.17 44.34 3.22
N ALA C 21 -13.42 43.13 3.70
CA ALA C 21 -14.36 42.22 3.06
C ALA C 21 -15.66 42.05 3.84
N GLY C 22 -15.83 42.79 4.93
CA GLY C 22 -17.11 42.78 5.63
C GLY C 22 -17.49 41.47 6.29
N LEU C 23 -16.57 40.82 6.98
CA LEU C 23 -16.86 39.65 7.78
C LEU C 23 -16.67 39.97 9.25
N GLN C 24 -17.35 39.20 10.10
CA GLN C 24 -17.38 39.48 11.54
C GLN C 24 -16.33 38.69 12.32
N PHE C 25 -16.24 37.38 12.09
CA PHE C 25 -15.29 36.56 12.82
C PHE C 25 -13.87 36.90 12.42
N PRO C 26 -12.89 36.54 13.24
CA PRO C 26 -11.51 36.92 12.95
C PRO C 26 -11.00 36.29 11.66
N VAL C 27 -10.15 37.03 10.96
CA VAL C 27 -9.68 36.61 9.64
C VAL C 27 -8.17 36.41 9.67
N GLY C 28 -7.44 37.44 10.08
CA GLY C 28 -5.98 37.34 10.07
C GLY C 28 -5.47 36.26 10.99
N ARG C 29 -6.03 36.16 12.19
CA ARG C 29 -5.63 35.11 13.12
C ARG C 29 -5.90 33.73 12.54
N VAL C 30 -6.96 33.61 11.73
CA VAL C 30 -7.22 32.34 11.05
C VAL C 30 -6.10 32.03 10.08
N HIS C 31 -5.62 33.05 9.35
CA HIS C 31 -4.52 32.84 8.43
C HIS C 31 -3.26 32.42 9.18
N ARG C 32 -3.01 33.04 10.34
CA ARG C 32 -1.86 32.67 11.15
C ARG C 32 -1.97 31.23 11.63
N LEU C 33 -3.15 30.83 12.10
CA LEU C 33 -3.34 29.48 12.59
C LEU C 33 -3.17 28.47 11.47
N LEU C 34 -3.72 28.75 10.29
CA LEU C 34 -3.56 27.84 9.17
C LEU C 34 -2.10 27.72 8.76
N ARG C 35 -1.38 28.85 8.72
CA ARG C 35 0.03 28.81 8.34
C ARG C 35 0.85 28.03 9.35
N LYS C 36 0.59 28.24 10.64
CA LYS C 36 1.33 27.55 11.68
C LYS C 36 0.77 26.18 12.00
N GLY C 37 -0.32 25.78 11.35
CA GLY C 37 -0.92 24.50 11.64
C GLY C 37 -0.22 23.31 11.01
N ASN C 38 0.83 23.55 10.21
CA ASN C 38 1.58 22.51 9.53
C ASN C 38 0.70 21.64 8.66
N TYR C 39 -0.44 22.16 8.22
CA TYR C 39 -1.40 21.38 7.46
C TYR C 39 -1.20 21.47 5.96
N ALA C 40 -0.27 22.29 5.49
CA ALA C 40 -0.03 22.44 4.06
C ALA C 40 1.34 23.03 3.84
N GLU C 41 1.83 22.90 2.60
CA GLU C 41 3.13 23.47 2.26
C GLU C 41 3.04 24.99 2.10
N ARG C 42 2.00 25.48 1.45
CA ARG C 42 1.80 26.90 1.26
C ARG C 42 0.32 27.23 1.35
N VAL C 43 0.01 28.30 2.07
CA VAL C 43 -1.38 28.70 2.32
C VAL C 43 -1.76 29.77 1.31
N GLY C 44 -2.90 29.60 0.66
CA GLY C 44 -3.37 30.53 -0.33
C GLY C 44 -4.03 31.75 0.29
N ALA C 45 -4.70 32.52 -0.56
CA ALA C 45 -5.34 33.76 -0.13
C ALA C 45 -6.81 33.54 0.23
N GLY C 46 -7.61 33.10 -0.73
CA GLY C 46 -9.05 33.02 -0.52
C GLY C 46 -9.48 31.99 0.50
N ALA C 47 -8.61 31.02 0.78
CA ALA C 47 -8.97 29.97 1.74
C ALA C 47 -9.29 30.54 3.12
N PRO C 48 -8.50 31.45 3.67
CA PRO C 48 -8.89 32.03 4.97
C PRO C 48 -10.24 32.70 4.93
N VAL C 49 -10.53 33.44 3.86
CA VAL C 49 -11.80 34.15 3.77
C VAL C 49 -12.96 33.17 3.75
N TYR C 50 -12.85 32.13 2.92
CA TYR C 50 -13.94 31.16 2.83
C TYR C 50 -14.14 30.45 4.15
N LEU C 51 -13.05 30.04 4.82
CA LEU C 51 -13.20 29.33 6.09
C LEU C 51 -13.84 30.22 7.15
N ALA C 52 -13.43 31.48 7.22
CA ALA C 52 -14.01 32.38 8.19
C ALA C 52 -15.49 32.61 7.92
N ALA C 53 -15.85 32.77 6.64
CA ALA C 53 -17.25 32.98 6.31
C ALA C 53 -18.10 31.78 6.68
N VAL C 54 -17.60 30.57 6.41
CA VAL C 54 -18.35 29.37 6.74
C VAL C 54 -18.54 29.26 8.25
N LEU C 55 -17.47 29.54 9.01
CA LEU C 55 -17.58 29.53 10.46
C LEU C 55 -18.62 30.53 10.95
N GLU C 56 -18.62 31.72 10.34
CA GLU C 56 -19.59 32.74 10.72
C GLU C 56 -21.02 32.26 10.46
N TYR C 57 -21.27 31.66 9.30
CA TYR C 57 -22.63 31.23 8.97
C TYR C 57 -23.10 30.14 9.93
N LEU C 58 -22.23 29.16 10.21
CA LEU C 58 -22.62 28.08 11.10
C LEU C 58 -22.91 28.61 12.50
N THR C 59 -22.04 29.47 13.02
CA THR C 59 -22.24 30.02 14.35
C THR C 59 -23.52 30.84 14.40
N ALA C 60 -23.80 31.58 13.33
CA ALA C 60 -25.02 32.38 13.29
C ALA C 60 -26.26 31.49 13.35
N GLU C 61 -26.26 30.40 12.58
CA GLU C 61 -27.42 29.50 12.59
C GLU C 61 -27.65 28.91 13.98
N ILE C 62 -26.57 28.44 14.61
CA ILE C 62 -26.70 27.83 15.93
C ILE C 62 -27.20 28.85 16.95
N LEU C 63 -26.63 30.05 16.92
CA LEU C 63 -27.02 31.07 17.88
C LEU C 63 -28.47 31.51 17.67
N GLU C 64 -28.91 31.59 16.42
CA GLU C 64 -30.29 31.96 16.16
C GLU C 64 -31.26 30.91 16.70
N LEU C 65 -30.94 29.64 16.48
CA LEU C 65 -31.78 28.59 17.06
C LEU C 65 -31.81 28.68 18.58
N ALA C 66 -30.65 28.96 19.18
CA ALA C 66 -30.58 29.09 20.63
C ALA C 66 -31.43 30.25 21.13
N GLY C 67 -31.38 31.38 20.42
CA GLY C 67 -32.17 32.52 20.83
C GLY C 67 -33.65 32.26 20.72
N ASN C 68 -34.07 31.56 19.66
CA ASN C 68 -35.47 31.17 19.55
C ASN C 68 -35.88 30.29 20.72
N ALA C 69 -35.04 29.31 21.08
CA ALA C 69 -35.37 28.44 22.19
C ALA C 69 -35.47 29.22 23.50
N ALA C 70 -34.52 30.11 23.75
CA ALA C 70 -34.53 30.86 25.00
C ALA C 70 -35.74 31.77 25.08
N ARG C 71 -36.11 32.41 23.97
CA ARG C 71 -37.31 33.25 23.98
C ARG C 71 -38.55 32.42 24.23
N ASP C 72 -38.59 31.20 23.69
CA ASP C 72 -39.71 30.32 23.99
C ASP C 72 -39.76 29.96 25.47
N ASN C 73 -38.60 29.75 26.08
CA ASN C 73 -38.54 29.29 27.47
C ASN C 73 -38.66 30.41 28.48
N LYS C 74 -38.73 31.67 28.02
CA LYS C 74 -38.87 32.84 28.89
C LYS C 74 -37.71 32.93 29.90
N LYS C 75 -36.51 33.11 29.35
CA LYS C 75 -35.33 33.36 30.17
C LYS C 75 -34.39 34.28 29.39
N THR C 76 -33.87 35.31 30.06
CA THR C 76 -33.12 36.34 29.36
C THR C 76 -31.71 35.90 29.01
N ARG C 77 -31.13 34.97 29.75
CA ARG C 77 -29.77 34.51 29.51
C ARG C 77 -29.78 33.08 28.99
N ILE C 78 -28.98 32.83 27.96
CA ILE C 78 -28.94 31.50 27.35
C ILE C 78 -28.34 30.51 28.34
N ILE C 79 -29.04 29.40 28.56
CA ILE C 79 -28.58 28.38 29.49
C ILE C 79 -27.99 27.22 28.69
N PRO C 80 -27.03 26.48 29.24
CA PRO C 80 -26.46 25.35 28.49
C PRO C 80 -27.50 24.32 28.09
N ARG C 81 -28.45 24.03 28.98
CA ARG C 81 -29.49 23.06 28.65
C ARG C 81 -30.36 23.56 27.52
N HIS C 82 -30.69 24.85 27.51
CA HIS C 82 -31.45 25.42 26.41
C HIS C 82 -30.69 25.28 25.10
N LEU C 83 -29.38 25.53 25.12
CA LEU C 83 -28.57 25.38 23.93
C LEU C 83 -28.57 23.93 23.45
N GLN C 84 -28.43 22.98 24.37
CA GLN C 84 -28.41 21.57 23.98
C GLN C 84 -29.74 21.15 23.38
N LEU C 85 -30.85 21.60 23.99
CA LEU C 85 -32.16 21.27 23.46
C LEU C 85 -32.36 21.86 22.07
N ALA C 86 -31.91 23.09 21.86
CA ALA C 86 -32.01 23.69 20.54
C ALA C 86 -31.18 22.92 19.52
N ILE C 87 -29.98 22.51 19.90
CA ILE C 87 -29.10 21.82 18.97
C ILE C 87 -29.69 20.48 18.57
N ARG C 88 -30.12 19.70 19.57
CA ARG C 88 -30.64 18.38 19.27
C ARG C 88 -32.04 18.41 18.67
N ASN C 89 -32.74 19.54 18.77
CA ASN C 89 -34.10 19.59 18.28
C ASN C 89 -34.15 19.53 16.75
N ASP C 90 -33.25 20.25 16.08
CA ASP C 90 -33.30 20.35 14.64
C ASP C 90 -32.83 19.04 13.99
N GLU C 91 -32.91 18.99 12.67
CA GLU C 91 -32.55 17.81 11.90
C GLU C 91 -31.15 17.86 11.33
N GLU C 92 -30.84 18.90 10.55
CA GLU C 92 -29.54 18.98 9.89
C GLU C 92 -28.41 19.08 10.91
N LEU C 93 -28.58 19.94 11.91
CA LEU C 93 -27.57 20.06 12.95
C LEU C 93 -27.40 18.76 13.72
N ASN C 94 -28.50 18.01 13.89
CA ASN C 94 -28.39 16.71 14.53
C ASN C 94 -27.51 15.77 13.74
N LYS C 95 -27.63 15.79 12.41
CA LYS C 95 -26.75 14.99 11.58
C LYS C 95 -25.30 15.48 11.68
N LEU C 96 -25.10 16.80 11.68
CA LEU C 96 -23.74 17.32 11.66
C LEU C 96 -23.04 17.16 13.01
N LEU C 97 -23.80 17.08 14.09
CA LEU C 97 -23.20 16.99 15.42
C LEU C 97 -23.66 15.71 16.12
N GLY C 98 -23.60 14.58 15.43
CA GLY C 98 -24.23 13.36 15.88
C GLY C 98 -23.53 12.57 16.96
N LYS C 99 -22.34 12.95 17.39
CA LYS C 99 -21.64 12.22 18.44
C LYS C 99 -20.96 13.18 19.40
N VAL C 100 -21.66 14.22 19.83
CA VAL C 100 -21.12 15.21 20.75
C VAL C 100 -22.03 15.28 21.97
N THR C 101 -21.44 15.19 23.15
CA THR C 101 -22.16 15.27 24.41
C THR C 101 -21.88 16.64 25.03
N ILE C 102 -22.91 17.48 25.10
CA ILE C 102 -22.76 18.82 25.66
C ILE C 102 -22.76 18.73 27.17
N ALA C 103 -21.74 19.31 27.80
CA ALA C 103 -21.54 19.16 29.24
C ALA C 103 -22.70 19.78 30.01
N GLN C 104 -23.25 19.01 30.95
CA GLN C 104 -24.41 19.41 31.74
C GLN C 104 -25.56 19.85 30.83
N GLY C 105 -25.76 19.11 29.73
CA GLY C 105 -26.75 19.49 28.75
C GLY C 105 -28.14 19.00 29.06
N GLY C 106 -28.29 17.70 29.22
CA GLY C 106 -29.58 17.07 29.43
C GLY C 106 -30.01 16.27 28.23
N VAL C 107 -31.26 15.79 28.29
CA VAL C 107 -31.84 15.00 27.22
C VAL C 107 -33.16 15.62 26.83
N LEU C 108 -33.57 15.37 25.59
CA LEU C 108 -34.82 15.92 25.08
C LEU C 108 -35.99 15.30 25.84
N PRO C 109 -37.01 16.09 26.16
CA PRO C 109 -38.17 15.51 26.85
C PRO C 109 -38.99 14.64 25.92
N ASN C 110 -38.89 13.33 26.10
CA ASN C 110 -39.63 12.38 25.27
C ASN C 110 -39.82 11.09 26.05
N ILE C 111 -40.99 10.49 25.88
CA ILE C 111 -41.35 9.26 26.56
C ILE C 111 -41.89 8.27 25.54
N GLN C 112 -41.62 6.98 25.75
CA GLN C 112 -42.10 5.96 24.84
C GLN C 112 -43.62 5.88 24.89
N ALA C 113 -44.24 5.75 23.71
CA ALA C 113 -45.70 5.74 23.64
C ALA C 113 -46.29 4.43 24.13
N VAL C 114 -45.69 3.30 23.74
CA VAL C 114 -46.28 2.00 24.06
C VAL C 114 -46.30 1.76 25.56
N LEU C 115 -45.23 2.16 26.26
CA LEU C 115 -45.18 1.98 27.70
C LEU C 115 -46.15 2.90 28.43
N LEU C 116 -46.60 3.98 27.79
CA LEU C 116 -47.46 4.94 28.47
C LEU C 116 -48.80 4.30 28.82
N PRO C 117 -49.31 4.52 30.03
CA PRO C 117 -50.61 3.96 30.39
C PRO C 117 -51.73 4.56 29.57
N LYS C 118 -52.76 3.75 29.32
CA LYS C 118 -53.90 4.18 28.53
C LYS C 118 -55.12 3.33 28.83
N SER D 32 -0.49 34.96 32.14
CA SER D 32 -0.19 34.83 30.72
C SER D 32 -1.42 35.15 29.87
N ARG D 33 -1.34 34.81 28.58
CA ARG D 33 -2.42 35.09 27.65
C ARG D 33 -2.70 33.86 26.81
N LYS D 34 -3.98 33.65 26.49
CA LYS D 34 -4.41 32.57 25.62
C LYS D 34 -5.44 33.09 24.63
N GLU D 35 -5.51 32.44 23.47
CA GLU D 35 -6.39 32.88 22.41
C GLU D 35 -7.77 32.26 22.53
N SER D 36 -8.78 32.99 22.08
CA SER D 36 -10.16 32.52 22.10
C SER D 36 -10.94 33.32 21.07
N TYR D 37 -12.23 33.04 20.98
CA TYR D 37 -13.11 33.74 20.05
C TYR D 37 -14.26 34.41 20.79
N SER D 38 -14.02 34.81 22.05
CA SER D 38 -15.10 35.33 22.89
C SER D 38 -15.64 36.64 22.36
N VAL D 39 -14.76 37.57 22.00
CA VAL D 39 -15.21 38.88 21.55
C VAL D 39 -15.97 38.77 20.24
N TYR D 40 -15.44 37.99 19.30
CA TYR D 40 -16.14 37.79 18.03
C TYR D 40 -17.48 37.13 18.23
N VAL D 41 -17.55 36.13 19.12
CA VAL D 41 -18.80 35.46 19.41
C VAL D 41 -19.81 36.44 19.99
N TYR D 42 -19.36 37.29 20.90
CA TYR D 42 -20.27 38.27 21.50
C TYR D 42 -20.80 39.25 20.45
N LYS D 43 -19.92 39.71 19.55
CA LYS D 43 -20.37 40.63 18.51
C LYS D 43 -21.38 39.95 17.59
N VAL D 44 -21.12 38.71 17.20
CA VAL D 44 -22.04 37.99 16.32
C VAL D 44 -23.37 37.78 17.01
N LEU D 45 -23.35 37.47 18.32
CA LEU D 45 -24.58 37.28 19.05
C LEU D 45 -25.38 38.57 19.13
N LYS D 46 -24.70 39.70 19.34
CA LYS D 46 -25.38 40.99 19.33
C LYS D 46 -26.02 41.23 17.97
N GLN D 47 -25.32 40.88 16.89
CA GLN D 47 -25.91 40.98 15.57
C GLN D 47 -27.11 40.05 15.41
N VAL D 48 -27.09 38.91 16.09
CA VAL D 48 -28.18 37.94 15.95
C VAL D 48 -29.45 38.46 16.61
N HIS D 49 -29.33 39.03 17.80
CA HIS D 49 -30.47 39.54 18.54
C HIS D 49 -29.96 40.52 19.58
N PRO D 50 -30.61 41.68 19.73
CA PRO D 50 -30.13 42.67 20.69
C PRO D 50 -30.62 42.46 22.11
N ASP D 51 -31.34 41.37 22.38
CA ASP D 51 -31.98 41.18 23.68
C ASP D 51 -31.76 39.77 24.20
N THR D 52 -30.51 39.32 24.19
CA THR D 52 -30.21 37.97 24.64
C THR D 52 -28.99 37.99 25.57
N GLY D 53 -29.04 37.15 26.60
CA GLY D 53 -27.90 36.92 27.46
C GLY D 53 -27.40 35.48 27.32
N ILE D 54 -26.24 35.23 27.91
CA ILE D 54 -25.63 33.90 27.88
C ILE D 54 -24.60 33.82 28.99
N SER D 55 -24.31 32.60 29.44
CA SER D 55 -23.37 32.38 30.52
C SER D 55 -21.96 32.12 29.98
N SER D 56 -20.99 32.12 30.88
CA SER D 56 -19.61 31.88 30.48
C SER D 56 -19.42 30.46 29.94
N LYS D 57 -20.08 29.49 30.56
CA LYS D 57 -20.00 28.12 30.08
C LYS D 57 -20.53 28.00 28.66
N ALA D 58 -21.53 28.81 28.31
CA ALA D 58 -22.00 28.84 26.93
C ALA D 58 -20.90 29.31 25.98
N MET D 59 -20.15 30.34 26.39
CA MET D 59 -19.03 30.79 25.57
C MET D 59 -17.99 29.68 25.42
N GLY D 60 -17.74 28.93 26.49
CA GLY D 60 -16.81 27.81 26.40
C GLY D 60 -17.27 26.76 25.42
N ILE D 61 -18.56 26.38 25.49
CA ILE D 61 -19.10 25.37 24.58
C ILE D 61 -19.02 25.86 23.14
N MET D 62 -19.32 27.14 22.93
CA MET D 62 -19.23 27.71 21.58
C MET D 62 -17.79 27.67 21.07
N ASN D 63 -16.83 28.00 21.93
CA ASN D 63 -15.43 27.95 21.53
C ASN D 63 -15.03 26.54 21.14
N SER D 64 -15.50 25.56 21.91
CA SER D 64 -15.21 24.16 21.59
C SER D 64 -15.78 23.77 20.24
N PHE D 65 -17.03 24.16 19.97
CA PHE D 65 -17.64 23.83 18.68
C PHE D 65 -16.87 24.46 17.53
N VAL D 66 -16.47 25.73 17.70
CA VAL D 66 -15.74 26.42 16.65
C VAL D 66 -14.42 25.73 16.37
N ASN D 67 -13.68 25.39 17.43
CA ASN D 67 -12.39 24.76 17.25
C ASN D 67 -12.53 23.40 16.57
N ASP D 68 -13.54 22.63 16.98
CA ASP D 68 -13.75 21.31 16.39
C ASP D 68 -14.04 21.41 14.91
N ILE D 69 -14.94 22.32 14.52
CA ILE D 69 -15.30 22.44 13.11
C ILE D 69 -14.09 22.88 12.29
N PHE D 70 -13.31 23.85 12.81
CA PHE D 70 -12.14 24.31 12.07
C PHE D 70 -11.14 23.20 11.88
N GLU D 71 -10.91 22.40 12.93
CA GLU D 71 -9.96 21.30 12.82
C GLU D 71 -10.43 20.28 11.79
N ARG D 72 -11.72 19.94 11.80
CA ARG D 72 -12.22 18.97 10.84
C ARG D 72 -12.05 19.46 9.41
N ILE D 73 -12.38 20.74 9.17
CA ILE D 73 -12.27 21.29 7.82
C ILE D 73 -10.81 21.29 7.37
N ALA D 74 -9.90 21.70 8.25
CA ALA D 74 -8.49 21.73 7.87
C ALA D 74 -7.97 20.34 7.55
N GLY D 75 -8.35 19.34 8.35
CA GLY D 75 -7.91 17.99 8.08
C GLY D 75 -8.40 17.49 6.74
N GLU D 76 -9.68 17.71 6.45
CA GLU D 76 -10.22 17.29 5.16
C GLU D 76 -9.50 17.97 4.02
N ALA D 77 -9.22 19.27 4.16
CA ALA D 77 -8.54 20.00 3.10
C ALA D 77 -7.14 19.43 2.87
N SER D 78 -6.40 19.17 3.94
CA SER D 78 -5.05 18.64 3.78
C SER D 78 -5.07 17.28 3.11
N ARG D 79 -6.01 16.41 3.52
CA ARG D 79 -6.09 15.09 2.91
C ARG D 79 -6.44 15.18 1.43
N LEU D 80 -7.39 16.05 1.07
CA LEU D 80 -7.77 16.19 -0.33
C LEU D 80 -6.62 16.74 -1.15
N ALA D 81 -5.89 17.71 -0.60
CA ALA D 81 -4.76 18.28 -1.33
C ALA D 81 -3.69 17.24 -1.57
N HIS D 82 -3.39 16.42 -0.56
CA HIS D 82 -2.42 15.35 -0.76
C HIS D 82 -2.91 14.35 -1.80
N TYR D 83 -4.22 14.05 -1.79
CA TYR D 83 -4.76 13.11 -2.77
C TYR D 83 -4.63 13.65 -4.19
N ASN D 84 -4.90 14.93 -4.38
CA ASN D 84 -4.73 15.53 -5.71
C ASN D 84 -3.27 15.81 -6.02
N LYS D 85 -2.38 15.68 -5.04
CA LYS D 85 -0.93 15.82 -5.24
C LYS D 85 -0.56 17.19 -5.77
N ARG D 86 -1.24 18.22 -5.28
CA ARG D 86 -0.82 19.60 -5.54
C ARG D 86 0.11 20.04 -4.41
N SER D 87 0.38 21.34 -4.31
CA SER D 87 1.33 21.83 -3.32
C SER D 87 0.80 22.92 -2.40
N THR D 88 -0.26 23.63 -2.77
CA THR D 88 -0.76 24.71 -1.94
C THR D 88 -2.29 24.65 -1.87
N ILE D 89 -2.84 25.23 -0.81
CA ILE D 89 -4.28 25.19 -0.57
C ILE D 89 -4.90 26.43 -1.21
N THR D 90 -5.86 26.20 -2.10
CA THR D 90 -6.61 27.27 -2.74
C THR D 90 -8.08 27.14 -2.40
N SER D 91 -8.82 28.22 -2.64
CA SER D 91 -10.22 28.29 -2.22
C SER D 91 -11.07 27.20 -2.84
N ARG D 92 -10.69 26.74 -4.03
CA ARG D 92 -11.44 25.65 -4.66
C ARG D 92 -11.40 24.40 -3.80
N GLU D 93 -10.24 24.08 -3.23
CA GLU D 93 -10.14 22.93 -2.36
C GLU D 93 -11.02 23.09 -1.14
N ILE D 94 -11.06 24.29 -0.57
CA ILE D 94 -11.90 24.54 0.60
C ILE D 94 -13.36 24.35 0.24
N GLN D 95 -13.78 24.84 -0.94
CA GLN D 95 -15.17 24.67 -1.35
C GLN D 95 -15.51 23.19 -1.53
N THR D 96 -14.59 22.43 -2.14
CA THR D 96 -14.85 21.01 -2.30
C THR D 96 -14.96 20.31 -0.96
N ALA D 97 -14.09 20.65 -0.01
CA ALA D 97 -14.15 20.02 1.30
C ALA D 97 -15.44 20.38 2.03
N VAL D 98 -15.86 21.64 1.93
CA VAL D 98 -17.10 22.05 2.59
C VAL D 98 -18.27 21.31 2.00
N ARG D 99 -18.30 21.15 0.67
CA ARG D 99 -19.35 20.35 0.05
C ARG D 99 -19.28 18.90 0.49
N LEU D 100 -18.08 18.41 0.78
CA LEU D 100 -17.93 17.02 1.18
C LEU D 100 -18.36 16.78 2.62
N LEU D 101 -18.18 17.75 3.50
CA LEU D 101 -18.27 17.50 4.93
C LEU D 101 -19.64 17.84 5.53
N LEU D 102 -20.13 19.07 5.32
CA LEU D 102 -21.32 19.53 6.02
C LEU D 102 -22.55 18.72 5.61
N PRO D 103 -23.48 18.50 6.54
CA PRO D 103 -24.60 17.59 6.29
C PRO D 103 -25.70 18.25 5.46
N GLY D 104 -25.85 17.81 4.22
CA GLY D 104 -27.05 18.07 3.45
C GLY D 104 -27.28 19.54 3.09
N GLU D 105 -28.57 19.88 3.04
CA GLU D 105 -29.01 21.11 2.39
C GLU D 105 -28.45 22.36 3.04
N LEU D 106 -28.15 22.30 4.34
CA LEU D 106 -27.54 23.44 5.01
C LEU D 106 -26.28 23.89 4.30
N ALA D 107 -25.46 22.94 3.87
CA ALA D 107 -24.25 23.26 3.12
C ALA D 107 -24.59 24.02 1.85
N LYS D 108 -25.66 23.63 1.18
CA LYS D 108 -26.09 24.36 -0.02
C LYS D 108 -26.34 25.82 0.30
N HIS D 109 -26.95 26.10 1.45
CA HIS D 109 -27.05 27.49 1.88
C HIS D 109 -25.69 28.03 2.27
N ALA D 110 -24.90 27.24 3.00
CA ALA D 110 -23.65 27.73 3.55
C ALA D 110 -22.67 28.12 2.45
N VAL D 111 -22.43 27.22 1.50
CA VAL D 111 -21.58 27.55 0.36
C VAL D 111 -22.16 28.73 -0.40
N SER D 112 -23.48 28.88 -0.39
CA SER D 112 -24.12 30.01 -1.04
C SER D 112 -23.60 31.33 -0.52
N GLU D 113 -23.23 31.39 0.76
CA GLU D 113 -22.64 32.61 1.28
C GLU D 113 -21.20 32.78 0.81
N GLY D 114 -20.45 31.67 0.78
CA GLY D 114 -18.99 31.78 0.67
C GLY D 114 -18.54 32.47 -0.59
N THR D 115 -19.08 32.05 -1.74
CA THR D 115 -18.77 32.72 -2.99
C THR D 115 -19.18 34.18 -2.92
N LYS D 116 -20.38 34.45 -2.41
CA LYS D 116 -20.80 35.82 -2.18
C LYS D 116 -19.85 36.51 -1.23
N ALA D 117 -19.36 35.78 -0.22
CA ALA D 117 -18.29 36.31 0.61
C ALA D 117 -17.03 36.55 -0.22
N VAL D 118 -16.61 35.53 -0.98
CA VAL D 118 -15.35 35.62 -1.70
C VAL D 118 -15.40 36.76 -2.71
N THR D 119 -16.53 36.90 -3.41
CA THR D 119 -16.69 37.98 -4.37
C THR D 119 -16.44 39.34 -3.72
N LYS D 120 -16.88 39.51 -2.47
CA LYS D 120 -16.63 40.77 -1.78
C LYS D 120 -15.14 41.05 -1.65
N TYR D 121 -14.36 40.04 -1.27
CA TYR D 121 -12.91 40.21 -1.28
C TYR D 121 -12.42 40.35 -2.71
N THR D 122 -13.05 39.62 -3.64
CA THR D 122 -12.77 39.84 -5.05
C THR D 122 -13.20 41.24 -5.48
N SER D 123 -14.12 41.85 -4.75
CA SER D 123 -14.41 43.27 -4.98
C SER D 123 -13.19 44.12 -4.72
N SER D 124 -12.33 43.69 -3.80
CA SER D 124 -11.06 44.33 -3.51
C SER D 124 -11.23 45.80 -3.11
N PRO E 38 -53.48 6.15 53.98
CA PRO E 38 -54.70 5.50 53.47
C PRO E 38 -54.85 5.65 51.96
N HIS E 39 -54.48 6.80 51.43
CA HIS E 39 -54.59 7.09 50.00
C HIS E 39 -53.22 6.89 49.36
N ARG E 40 -53.09 5.83 48.57
CA ARG E 40 -51.89 5.55 47.81
C ARG E 40 -52.19 5.64 46.32
N TYR E 41 -51.19 6.05 45.54
CA TYR E 41 -51.37 6.20 44.11
C TYR E 41 -51.52 4.83 43.44
N ARG E 42 -51.65 4.84 42.12
CA ARG E 42 -51.79 3.60 41.38
C ARG E 42 -50.51 2.78 41.46
N PRO E 43 -50.57 1.49 41.10
CA PRO E 43 -49.42 0.61 41.32
C PRO E 43 -48.14 1.07 40.64
N GLY E 44 -48.23 1.72 39.49
CA GLY E 44 -47.02 2.19 38.83
C GLY E 44 -47.13 3.60 38.30
N THR E 45 -48.10 4.37 38.81
CA THR E 45 -48.29 5.73 38.30
C THR E 45 -47.19 6.66 38.76
N VAL E 46 -46.66 6.48 39.97
CA VAL E 46 -45.59 7.33 40.46
C VAL E 46 -44.34 7.17 39.63
N ALA E 47 -44.18 6.03 38.97
CA ALA E 47 -43.02 5.82 38.11
C ALA E 47 -42.99 6.82 36.96
N LEU E 48 -44.15 7.07 36.33
CA LEU E 48 -44.19 8.02 35.23
C LEU E 48 -43.88 9.43 35.69
N ARG E 49 -44.39 9.82 36.86
CA ARG E 49 -44.09 11.13 37.42
C ARG E 49 -42.60 11.25 37.71
N GLU E 50 -42.01 10.20 38.26
CA GLU E 50 -40.57 10.21 38.53
C GLU E 50 -39.78 10.31 37.23
N ILE E 51 -40.25 9.62 36.19
CA ILE E 51 -39.58 9.69 34.90
C ILE E 51 -39.62 11.10 34.36
N ARG E 52 -40.78 11.76 34.45
CA ARG E 52 -40.89 13.14 34.00
C ARG E 52 -39.99 14.06 34.82
N ARG E 53 -39.97 13.87 36.14
CA ARG E 53 -39.17 14.74 37.00
C ARG E 53 -37.68 14.59 36.71
N TYR E 54 -37.22 13.35 36.55
CA TYR E 54 -35.80 13.14 36.26
C TYR E 54 -35.46 13.63 34.87
N GLN E 55 -36.37 13.47 33.90
CA GLN E 55 -36.10 13.91 32.54
C GLN E 55 -35.99 15.43 32.47
N LYS E 56 -36.84 16.14 33.20
CA LYS E 56 -36.79 17.60 33.17
C LYS E 56 -35.49 18.12 33.77
N SER E 57 -35.03 17.53 34.86
CA SER E 57 -33.90 18.07 35.59
C SER E 57 -32.60 17.84 34.83
N THR E 58 -31.52 18.43 35.36
CA THR E 58 -30.19 18.30 34.77
C THR E 58 -29.11 18.16 35.84
N GLU E 59 -29.43 17.48 36.95
CA GLU E 59 -28.49 17.37 38.05
C GLU E 59 -27.41 16.34 37.75
N LEU E 60 -26.54 16.09 38.73
CA LEU E 60 -25.41 15.19 38.54
C LEU E 60 -25.82 13.73 38.73
N LEU E 61 -26.72 13.45 39.66
CA LEU E 61 -27.37 12.16 39.92
C LEU E 61 -26.43 11.10 40.47
N ILE E 62 -25.14 11.38 40.67
CA ILE E 62 -24.21 10.45 41.30
C ILE E 62 -23.45 11.19 42.39
N ARG E 63 -23.35 10.58 43.57
CA ARG E 63 -22.65 11.22 44.68
C ARG E 63 -21.16 11.34 44.35
N LYS E 64 -20.62 12.53 44.55
CA LYS E 64 -19.28 12.83 44.07
C LYS E 64 -18.22 12.00 44.78
N LEU E 65 -18.34 11.83 46.10
CA LEU E 65 -17.33 11.11 46.85
C LEU E 65 -17.18 9.68 46.39
N PRO E 66 -18.25 8.92 46.17
CA PRO E 66 -18.08 7.55 45.66
C PRO E 66 -17.39 7.51 44.31
N PHE E 67 -17.70 8.45 43.42
CA PHE E 67 -17.06 8.45 42.11
C PHE E 67 -15.58 8.75 42.24
N GLN E 68 -15.21 9.71 43.10
CA GLN E 68 -13.80 10.01 43.30
C GLN E 68 -13.07 8.81 43.88
N ARG E 69 -13.68 8.13 44.85
CA ARG E 69 -13.06 6.95 45.42
C ARG E 69 -12.88 5.86 44.38
N LEU E 70 -13.90 5.65 43.54
CA LEU E 70 -13.82 4.61 42.52
C LEU E 70 -12.74 4.94 41.49
N VAL E 71 -12.62 6.21 41.12
CA VAL E 71 -11.58 6.60 40.17
C VAL E 71 -10.21 6.35 40.76
N ARG E 72 -10.01 6.72 42.03
CA ARG E 72 -8.72 6.46 42.66
C ARG E 72 -8.41 4.97 42.71
N GLU E 73 -9.40 4.16 43.09
CA GLU E 73 -9.17 2.72 43.20
C GLU E 73 -8.87 2.09 41.85
N ILE E 74 -9.61 2.49 40.82
CA ILE E 74 -9.37 1.93 39.49
C ILE E 74 -8.01 2.35 38.97
N ALA E 75 -7.63 3.61 39.19
CA ALA E 75 -6.34 4.07 38.70
C ALA E 75 -5.17 3.50 39.48
N GLN E 76 -5.41 3.04 40.71
CA GLN E 76 -4.32 2.50 41.51
C GLN E 76 -3.64 1.31 40.86
N ASP E 77 -4.39 0.52 40.09
CA ASP E 77 -3.81 -0.68 39.50
C ASP E 77 -2.76 -0.36 38.45
N PHE E 78 -3.04 0.61 37.57
CA PHE E 78 -2.14 0.85 36.45
C PHE E 78 -0.85 1.51 36.91
N LYS E 79 -0.94 2.68 37.54
CA LYS E 79 0.23 3.42 37.96
C LYS E 79 0.08 3.82 39.42
N THR E 80 1.22 3.91 40.10
CA THR E 80 1.25 4.26 41.52
C THR E 80 1.50 5.75 41.70
N ASP E 81 0.86 6.31 42.73
CA ASP E 81 1.05 7.71 43.13
C ASP E 81 0.72 8.67 41.98
N LEU E 82 -0.55 8.65 41.59
CA LEU E 82 -1.08 9.55 40.57
C LEU E 82 -1.96 10.60 41.23
N ARG E 83 -1.69 11.87 40.95
CA ARG E 83 -2.40 13.00 41.56
C ARG E 83 -3.21 13.72 40.50
N PHE E 84 -4.54 13.65 40.61
CA PHE E 84 -5.44 14.22 39.62
C PHE E 84 -5.93 15.59 40.05
N GLN E 85 -6.59 16.27 39.12
CA GLN E 85 -7.23 17.56 39.37
C GLN E 85 -8.75 17.36 39.39
N SER E 86 -9.44 18.22 40.14
CA SER E 86 -10.86 18.02 40.40
C SER E 86 -11.69 18.09 39.13
N SER E 87 -11.34 19.02 38.23
CA SER E 87 -12.06 19.17 36.98
C SER E 87 -12.08 17.88 36.19
N ALA E 88 -10.97 17.13 36.23
CA ALA E 88 -10.93 15.85 35.55
C ALA E 88 -11.94 14.87 36.13
N VAL E 89 -12.07 14.86 37.46
CA VAL E 89 -13.05 13.97 38.09
C VAL E 89 -14.46 14.35 37.65
N MET E 90 -14.76 15.66 37.63
CA MET E 90 -16.08 16.09 37.21
C MET E 90 -16.37 15.68 35.76
N ALA E 91 -15.38 15.88 34.88
CA ALA E 91 -15.58 15.53 33.48
C ALA E 91 -15.78 14.02 33.31
N LEU E 92 -15.01 13.22 34.05
CA LEU E 92 -15.18 11.78 33.98
C LEU E 92 -16.56 11.37 34.44
N GLN E 93 -17.07 12.02 35.49
CA GLN E 93 -18.43 11.75 35.92
C GLN E 93 -19.43 12.06 34.82
N GLU E 94 -19.24 13.19 34.13
CA GLU E 94 -20.15 13.58 33.06
C GLU E 94 -20.17 12.53 31.94
N ALA E 95 -18.99 12.11 31.49
CA ALA E 95 -18.92 11.14 30.41
C ALA E 95 -19.51 9.79 30.82
N SER E 96 -19.25 9.38 32.06
CA SER E 96 -19.81 8.13 32.54
C SER E 96 -21.33 8.17 32.55
N GLU E 97 -21.89 9.29 33.01
CA GLU E 97 -23.34 9.44 33.01
C GLU E 97 -23.89 9.35 31.60
N ALA E 98 -23.22 9.98 30.64
CA ALA E 98 -23.69 9.94 29.27
C ALA E 98 -23.69 8.51 28.72
N TYR E 99 -22.60 7.78 28.95
CA TYR E 99 -22.52 6.43 28.41
C TYR E 99 -23.58 5.53 29.03
N LEU E 100 -23.77 5.63 30.34
CA LEU E 100 -24.78 4.79 31.00
C LEU E 100 -26.18 5.14 30.52
N VAL E 101 -26.45 6.43 30.30
CA VAL E 101 -27.77 6.84 29.81
C VAL E 101 -28.01 6.25 28.42
N GLY E 102 -27.01 6.32 27.55
CA GLY E 102 -27.16 5.74 26.23
C GLY E 102 -27.46 4.25 26.27
N LEU E 103 -26.70 3.52 27.09
CA LEU E 103 -26.92 2.08 27.19
C LEU E 103 -28.32 1.77 27.72
N PHE E 104 -28.77 2.51 28.74
CA PHE E 104 -30.08 2.25 29.30
C PHE E 104 -31.18 2.54 28.29
N GLU E 105 -31.06 3.63 27.54
CA GLU E 105 -32.07 3.93 26.52
C GLU E 105 -32.11 2.84 25.46
N ASP E 106 -30.94 2.35 25.05
CA ASP E 106 -30.90 1.27 24.08
C ASP E 106 -31.59 0.03 24.60
N THR E 107 -31.34 -0.31 25.87
CA THR E 107 -31.96 -1.49 26.46
C THR E 107 -33.47 -1.33 26.51
N ASN E 108 -33.97 -0.15 26.88
CA ASN E 108 -35.41 0.06 26.94
C ASN E 108 -36.04 -0.09 25.57
N LEU E 109 -35.42 0.52 24.54
CA LEU E 109 -35.98 0.41 23.20
C LEU E 109 -36.01 -1.04 22.73
N ALA E 110 -34.92 -1.78 22.98
CA ALA E 110 -34.87 -3.17 22.54
C ALA E 110 -35.90 -4.02 23.25
N ALA E 111 -36.04 -3.84 24.56
CA ALA E 111 -37.01 -4.62 25.29
C ALA E 111 -38.43 -4.30 24.82
N ILE E 112 -38.68 -3.03 24.49
CA ILE E 112 -39.95 -2.68 23.88
C ILE E 112 -40.13 -3.45 22.58
N HIS E 113 -39.06 -3.57 21.79
CA HIS E 113 -39.11 -4.38 20.59
C HIS E 113 -39.28 -5.86 20.90
N ALA E 114 -39.06 -6.27 22.14
CA ALA E 114 -39.19 -7.67 22.52
C ALA E 114 -40.58 -8.02 23.03
N LYS E 115 -41.53 -7.08 22.98
CA LYS E 115 -42.89 -7.30 23.46
C LYS E 115 -42.91 -7.72 24.93
N ARG E 116 -42.05 -7.10 25.73
CA ARG E 116 -42.01 -7.31 27.17
C ARG E 116 -41.95 -5.94 27.85
N VAL E 117 -42.37 -5.90 29.11
CA VAL E 117 -42.48 -4.64 29.83
C VAL E 117 -41.27 -4.38 30.71
N THR E 118 -40.77 -5.39 31.41
CA THR E 118 -39.62 -5.18 32.26
C THR E 118 -38.33 -5.28 31.46
N ILE E 119 -37.23 -4.81 32.07
CA ILE E 119 -35.91 -4.84 31.46
C ILE E 119 -35.06 -5.86 32.21
N MET E 120 -34.44 -6.77 31.47
CA MET E 120 -33.70 -7.89 32.03
C MET E 120 -32.29 -7.94 31.47
N PRO E 121 -31.37 -8.61 32.16
CA PRO E 121 -29.96 -8.59 31.73
C PRO E 121 -29.71 -9.15 30.34
N LYS E 122 -30.54 -10.09 29.89
CA LYS E 122 -30.38 -10.63 28.54
C LYS E 122 -30.52 -9.54 27.51
N ASP E 123 -31.46 -8.62 27.72
CA ASP E 123 -31.62 -7.50 26.80
C ASP E 123 -30.39 -6.62 26.79
N ILE E 124 -29.78 -6.39 27.96
CA ILE E 124 -28.57 -5.57 28.02
C ILE E 124 -27.45 -6.24 27.24
N GLN E 125 -27.31 -7.55 27.39
CA GLN E 125 -26.28 -8.26 26.63
C GLN E 125 -26.52 -8.17 25.13
N LEU E 126 -27.78 -8.32 24.71
CA LEU E 126 -28.10 -8.23 23.29
C LEU E 126 -27.80 -6.83 22.76
N ALA E 127 -28.15 -5.80 23.53
CA ALA E 127 -27.91 -4.44 23.09
C ALA E 127 -26.43 -4.14 22.98
N ARG E 128 -25.63 -4.61 23.93
CA ARG E 128 -24.20 -4.43 23.83
C ARG E 128 -23.62 -5.21 22.65
N ARG E 129 -24.23 -6.34 22.30
CA ARG E 129 -23.72 -7.13 21.18
C ARG E 129 -24.05 -6.49 19.84
N ILE E 130 -25.25 -5.91 19.72
CA ILE E 130 -25.70 -5.40 18.43
C ILE E 130 -24.87 -4.19 17.99
N ARG E 131 -24.60 -3.26 18.92
CA ARG E 131 -23.82 -2.08 18.57
C ARG E 131 -22.35 -2.41 18.32
N GLY E 132 -21.92 -3.63 18.61
CA GLY E 132 -20.54 -4.00 18.41
C GLY E 132 -19.66 -3.59 19.56
N GLU E 133 -19.98 -4.08 20.77
CA GLU E 133 -19.22 -3.75 21.96
C GLU E 133 -18.71 -5.00 22.67
N ARG E 134 -18.57 -6.12 21.95
CA ARG E 134 -18.12 -7.36 22.55
C ARG E 134 -16.65 -7.30 22.94
N ASP F 24 -12.83 -2.65 47.53
CA ASP F 24 -14.17 -3.03 47.09
C ASP F 24 -15.07 -1.81 46.95
N ASN F 25 -14.50 -0.71 46.45
CA ASN F 25 -15.26 0.52 46.28
C ASN F 25 -16.29 0.44 45.17
N ILE F 26 -16.28 -0.63 44.37
CA ILE F 26 -17.22 -0.75 43.26
C ILE F 26 -18.66 -0.83 43.75
N GLN F 27 -18.88 -1.25 44.99
CA GLN F 27 -20.22 -1.25 45.56
C GLN F 27 -20.71 0.14 45.92
N GLY F 28 -19.93 1.18 45.63
CA GLY F 28 -20.35 2.53 45.97
C GLY F 28 -21.57 2.99 45.20
N ILE F 29 -21.65 2.64 43.91
CA ILE F 29 -22.81 2.99 43.11
C ILE F 29 -24.02 2.29 43.70
N THR F 30 -24.91 3.06 44.31
CA THR F 30 -26.00 2.49 45.09
C THR F 30 -27.19 2.15 44.20
N LYS F 31 -28.04 1.26 44.70
CA LYS F 31 -29.26 0.90 43.99
C LYS F 31 -30.12 2.12 43.69
N PRO F 32 -30.33 3.04 44.63
CA PRO F 32 -31.09 4.25 44.27
C PRO F 32 -30.46 5.03 43.13
N ALA F 33 -29.13 5.09 43.07
CA ALA F 33 -28.48 5.83 42.01
C ALA F 33 -28.70 5.18 40.65
N ILE F 34 -28.55 3.86 40.58
CA ILE F 34 -28.74 3.16 39.31
C ILE F 34 -30.20 3.30 38.86
N ARG F 35 -31.14 3.14 39.79
CA ARG F 35 -32.54 3.29 39.44
C ARG F 35 -32.83 4.70 38.94
N ARG F 36 -32.28 5.71 39.60
CA ARG F 36 -32.52 7.08 39.19
C ARG F 36 -31.96 7.34 37.79
N LEU F 37 -30.75 6.83 37.53
CA LEU F 37 -30.15 7.04 36.22
C LEU F 37 -30.99 6.38 35.13
N ALA F 38 -31.43 5.15 35.38
CA ALA F 38 -32.25 4.46 34.38
C ALA F 38 -33.57 5.17 34.16
N ARG F 39 -34.17 5.69 35.24
CA ARG F 39 -35.41 6.44 35.09
C ARG F 39 -35.19 7.70 34.27
N ARG F 40 -34.07 8.39 34.49
CA ARG F 40 -33.72 9.52 33.65
C ARG F 40 -33.57 9.09 32.21
N GLY F 41 -33.12 7.86 31.98
CA GLY F 41 -33.17 7.31 30.63
C GLY F 41 -34.57 7.01 30.14
N GLY F 42 -35.52 6.83 31.05
CA GLY F 42 -36.87 6.53 30.64
C GLY F 42 -37.20 5.06 30.69
N VAL F 43 -36.85 4.41 31.80
CA VAL F 43 -37.16 3.00 32.01
C VAL F 43 -38.38 2.92 32.91
N LYS F 44 -39.09 1.80 32.83
CA LYS F 44 -40.31 1.60 33.60
C LYS F 44 -40.22 0.50 34.63
N ARG F 45 -39.64 -0.65 34.29
CA ARG F 45 -39.55 -1.77 35.22
C ARG F 45 -38.20 -2.44 35.08
N ILE F 46 -37.42 -2.43 36.16
CA ILE F 46 -36.08 -2.98 36.19
C ILE F 46 -36.08 -4.26 37.01
N SER F 47 -35.53 -5.33 36.43
CA SER F 47 -35.53 -6.62 37.10
C SER F 47 -34.53 -6.63 38.25
N GLY F 48 -34.54 -7.73 39.00
CA GLY F 48 -33.74 -7.82 40.19
C GLY F 48 -32.33 -8.32 39.96
N LEU F 49 -31.88 -8.32 38.70
CA LEU F 49 -30.57 -8.84 38.36
C LEU F 49 -29.83 -7.86 37.46
N ILE F 50 -29.80 -6.59 37.86
CA ILE F 50 -29.19 -5.55 37.05
C ILE F 50 -27.97 -4.91 37.69
N TYR F 51 -27.84 -4.97 39.01
CA TYR F 51 -26.79 -4.21 39.69
C TYR F 51 -25.40 -4.66 39.26
N GLU F 52 -25.17 -5.98 39.25
CA GLU F 52 -23.85 -6.50 38.92
C GLU F 52 -23.47 -6.14 37.48
N GLU F 53 -24.43 -6.27 36.56
CA GLU F 53 -24.14 -5.96 35.16
C GLU F 53 -23.81 -4.48 34.99
N THR F 54 -24.56 -3.60 35.64
CA THR F 54 -24.27 -2.18 35.56
C THR F 54 -22.90 -1.85 36.11
N ARG F 55 -22.56 -2.45 37.26
CA ARG F 55 -21.25 -2.21 37.84
C ARG F 55 -20.15 -2.68 36.91
N GLY F 56 -20.32 -3.85 36.30
CA GLY F 56 -19.31 -4.36 35.39
C GLY F 56 -19.13 -3.47 34.17
N VAL F 57 -20.24 -3.01 33.59
CA VAL F 57 -20.15 -2.16 32.41
C VAL F 57 -19.45 -0.85 32.77
N LEU F 58 -19.80 -0.27 33.92
CA LEU F 58 -19.14 0.97 34.35
C LEU F 58 -17.65 0.75 34.55
N LYS F 59 -17.27 -0.38 35.15
CA LYS F 59 -15.86 -0.68 35.35
C LYS F 59 -15.14 -0.81 34.02
N VAL F 60 -15.76 -1.47 33.04
CA VAL F 60 -15.13 -1.66 31.74
C VAL F 60 -14.87 -0.31 31.08
N PHE F 61 -15.89 0.55 31.06
CA PHE F 61 -15.73 1.84 30.40
C PHE F 61 -14.69 2.70 31.09
N LEU F 62 -14.75 2.76 32.43
CA LEU F 62 -13.82 3.58 33.17
C LEU F 62 -12.38 3.11 32.98
N GLU F 63 -12.17 1.80 32.97
CA GLU F 63 -10.82 1.29 32.75
C GLU F 63 -10.33 1.62 31.35
N ASN F 64 -11.14 1.34 30.34
CA ASN F 64 -10.72 1.55 28.96
C ASN F 64 -10.47 3.02 28.66
N VAL F 65 -11.03 3.93 29.44
CA VAL F 65 -10.68 5.34 29.28
C VAL F 65 -9.45 5.71 30.09
N ILE F 66 -9.41 5.30 31.36
CA ILE F 66 -8.39 5.78 32.27
C ILE F 66 -7.02 5.27 31.91
N ARG F 67 -6.92 4.06 31.33
CA ARG F 67 -5.62 3.54 30.97
C ARG F 67 -4.93 4.43 29.95
N ASP F 68 -5.63 4.75 28.86
CA ASP F 68 -5.08 5.67 27.88
C ASP F 68 -4.90 7.06 28.45
N ALA F 69 -5.76 7.46 29.38
CA ALA F 69 -5.59 8.77 30.02
C ALA F 69 -4.25 8.85 30.73
N VAL F 70 -3.94 7.84 31.54
CA VAL F 70 -2.68 7.83 32.27
C VAL F 70 -1.51 7.73 31.30
N THR F 71 -1.68 6.97 30.22
CA THR F 71 -0.60 6.84 29.25
C THR F 71 -0.27 8.17 28.60
N TYR F 72 -1.29 8.90 28.15
CA TYR F 72 -1.07 10.21 27.55
C TYR F 72 -0.50 11.20 28.57
N THR F 73 -0.90 11.06 29.84
CA THR F 73 -0.30 11.90 30.88
C THR F 73 1.18 11.61 31.04
N GLU F 74 1.54 10.33 31.09
CA GLU F 74 2.93 9.95 31.31
C GLU F 74 3.80 10.32 30.12
N HIS F 75 3.23 10.34 28.91
CA HIS F 75 3.99 10.78 27.76
C HIS F 75 4.51 12.19 27.93
N ALA F 76 3.79 13.01 28.70
CA ALA F 76 4.24 14.36 29.01
C ALA F 76 5.29 14.41 30.10
N LYS F 77 5.56 13.27 30.75
CA LYS F 77 6.52 13.20 31.85
C LYS F 77 6.15 14.16 32.98
N ARG F 78 4.87 14.21 33.33
CA ARG F 78 4.38 15.01 34.43
C ARG F 78 3.64 14.11 35.41
N LYS F 79 3.62 14.51 36.68
CA LYS F 79 3.06 13.70 37.75
C LYS F 79 1.61 14.05 38.06
N THR F 80 0.99 14.94 37.29
CA THR F 80 -0.39 15.33 37.54
C THR F 80 -1.22 15.10 36.29
N VAL F 81 -2.41 14.53 36.47
CA VAL F 81 -3.32 14.23 35.36
C VAL F 81 -4.16 15.47 35.08
N THR F 82 -4.08 15.96 33.85
CA THR F 82 -4.79 17.17 33.46
C THR F 82 -6.13 16.82 32.85
N ALA F 83 -7.10 17.73 33.01
CA ALA F 83 -8.43 17.52 32.45
C ALA F 83 -8.40 17.46 30.94
N MET F 84 -7.62 18.35 30.31
CA MET F 84 -7.52 18.34 28.86
C MET F 84 -6.96 17.03 28.34
N ASP F 85 -6.10 16.37 29.14
CA ASP F 85 -5.66 15.03 28.78
C ASP F 85 -6.84 14.07 28.73
N VAL F 86 -7.74 14.16 29.71
CA VAL F 86 -8.93 13.31 29.70
C VAL F 86 -9.78 13.62 28.48
N VAL F 87 -9.89 14.90 28.11
CA VAL F 87 -10.67 15.28 26.95
C VAL F 87 -10.08 14.68 25.69
N TYR F 88 -8.76 14.77 25.53
CA TYR F 88 -8.12 14.21 24.35
C TYR F 88 -8.29 12.70 24.29
N ALA F 89 -8.14 12.03 25.44
CA ALA F 89 -8.32 10.59 25.46
C ALA F 89 -9.74 10.19 25.11
N LEU F 90 -10.72 10.95 25.61
CA LEU F 90 -12.11 10.67 25.24
C LEU F 90 -12.34 10.91 23.75
N LYS F 91 -11.65 11.89 23.18
CA LYS F 91 -11.75 12.12 21.74
C LYS F 91 -11.20 10.92 20.97
N ARG F 92 -10.08 10.37 21.43
CA ARG F 92 -9.51 9.20 20.75
C ARG F 92 -10.44 8.00 20.84
N GLN F 93 -11.05 7.79 22.00
CA GLN F 93 -11.94 6.65 22.18
C GLN F 93 -13.29 6.83 21.50
N GLY F 94 -13.50 7.95 20.82
CA GLY F 94 -14.73 8.16 20.10
C GLY F 94 -15.84 8.78 20.93
N ARG F 95 -15.52 9.82 21.69
CA ARG F 95 -16.53 10.58 22.41
C ARG F 95 -16.56 12.04 22.00
N THR F 96 -15.42 12.73 22.07
CA THR F 96 -15.30 14.14 21.69
C THR F 96 -16.33 15.00 22.42
N LEU F 97 -16.43 14.81 23.73
CA LEU F 97 -17.37 15.58 24.54
C LEU F 97 -16.82 16.98 24.74
N TYR F 98 -17.45 17.96 24.10
CA TYR F 98 -16.99 19.34 24.16
C TYR F 98 -17.36 19.94 25.52
N GLY F 99 -17.17 21.24 25.67
CA GLY F 99 -17.52 21.89 26.92
C GLY F 99 -16.32 22.11 27.83
N PHE F 100 -16.16 21.25 28.82
CA PHE F 100 -15.07 21.39 29.79
C PHE F 100 -13.73 21.38 29.06
N GLY F 101 -12.87 22.31 29.43
CA GLY F 101 -11.57 22.45 28.78
C GLY F 101 -11.66 22.93 27.35
N THR G 16 23.81 -1.64 3.49
CA THR G 16 22.67 -0.73 3.55
C THR G 16 22.36 -0.35 5.00
N ARG G 17 21.72 0.80 5.18
CA ARG G 17 21.36 1.24 6.51
C ARG G 17 20.42 0.26 7.18
N SER G 18 19.40 -0.21 6.45
CA SER G 18 18.53 -1.26 6.98
C SER G 18 19.32 -2.54 7.21
N SER G 19 20.22 -2.87 6.28
CA SER G 19 21.12 -4.01 6.48
C SER G 19 22.03 -3.78 7.67
N ARG G 20 22.55 -2.56 7.83
CA ARG G 20 23.40 -2.25 8.97
C ARG G 20 22.64 -2.43 10.28
N ALA G 21 21.36 -2.06 10.30
CA ALA G 21 20.52 -2.33 11.44
C ALA G 21 19.96 -3.74 11.45
N GLY G 22 20.21 -4.52 10.39
CA GLY G 22 19.65 -5.85 10.31
C GLY G 22 18.14 -5.86 10.22
N LEU G 23 17.56 -4.87 9.57
CA LEU G 23 16.12 -4.81 9.37
C LEU G 23 15.76 -5.60 8.11
N GLN G 24 14.52 -5.46 7.67
CA GLN G 24 14.09 -6.10 6.43
C GLN G 24 13.53 -5.12 5.41
N PHE G 25 12.76 -4.13 5.84
CA PHE G 25 12.22 -3.14 4.93
C PHE G 25 13.25 -2.05 4.64
N PRO G 26 13.13 -1.37 3.51
CA PRO G 26 14.08 -0.30 3.20
C PRO G 26 13.85 0.91 4.10
N VAL G 27 14.76 1.09 5.07
CA VAL G 27 14.58 2.17 6.05
C VAL G 27 14.66 3.53 5.37
N GLY G 28 15.49 3.65 4.34
CA GLY G 28 15.59 4.92 3.63
C GLY G 28 14.28 5.33 2.98
N ARG G 29 13.52 4.37 2.49
CA ARG G 29 12.21 4.68 1.93
C ARG G 29 11.28 5.26 2.98
N VAL G 30 11.29 4.68 4.18
CA VAL G 30 10.45 5.20 5.26
C VAL G 30 10.92 6.60 5.65
N HIS G 31 12.23 6.81 5.71
CA HIS G 31 12.75 8.13 6.04
C HIS G 31 12.31 9.16 5.02
N ARG G 32 12.40 8.82 3.73
CA ARG G 32 11.98 9.74 2.69
C ARG G 32 10.49 10.03 2.77
N LEU G 33 9.68 8.99 2.98
CA LEU G 33 8.24 9.20 3.05
C LEU G 33 7.86 10.08 4.24
N LEU G 34 8.47 9.83 5.40
CA LEU G 34 8.17 10.64 6.57
C LEU G 34 8.63 12.08 6.39
N ARG G 35 9.81 12.27 5.81
CA ARG G 35 10.31 13.63 5.61
C ARG G 35 9.43 14.40 4.65
N LYS G 36 9.05 13.78 3.54
CA LYS G 36 8.24 14.46 2.54
C LYS G 36 6.75 14.32 2.82
N GLY G 37 6.37 13.63 3.88
CA GLY G 37 4.95 13.40 4.13
C GLY G 37 4.19 14.56 4.72
N ASN G 38 4.89 15.64 5.06
CA ASN G 38 4.27 16.82 5.67
C ASN G 38 3.49 16.45 6.93
N TYR G 39 4.04 15.51 7.69
CA TYR G 39 3.41 15.09 8.94
C TYR G 39 4.02 15.74 10.16
N ALA G 40 5.25 16.24 10.07
CA ALA G 40 5.90 16.87 11.20
C ALA G 40 6.96 17.84 10.69
N GLU G 41 7.38 18.75 11.56
CA GLU G 41 8.33 19.78 11.17
C GLU G 41 9.72 19.21 10.92
N ARG G 42 10.22 18.41 11.86
CA ARG G 42 11.58 17.92 11.79
C ARG G 42 11.63 16.42 12.02
N VAL G 43 12.51 15.75 11.29
CA VAL G 43 12.68 14.31 11.39
C VAL G 43 13.68 14.01 12.49
N GLY G 44 13.43 12.94 13.25
CA GLY G 44 14.23 12.64 14.42
C GLY G 44 15.55 11.97 14.12
N ALA G 45 15.87 10.92 14.87
CA ALA G 45 17.16 10.24 14.75
C ALA G 45 17.01 8.84 14.18
N GLY G 46 16.23 7.98 14.82
CA GLY G 46 16.12 6.60 14.39
C GLY G 46 14.70 6.19 14.11
N ALA G 47 13.84 7.17 13.82
CA ALA G 47 12.43 6.89 13.60
C ALA G 47 12.18 5.84 12.54
N PRO G 48 12.89 5.84 11.41
CA PRO G 48 12.71 4.76 10.44
C PRO G 48 12.97 3.39 11.04
N VAL G 49 13.94 3.28 11.95
CA VAL G 49 14.27 1.98 12.52
C VAL G 49 13.10 1.44 13.31
N TYR G 50 12.56 2.25 14.22
CA TYR G 50 11.45 1.78 15.04
C TYR G 50 10.23 1.49 14.20
N LEU G 51 9.93 2.36 13.24
CA LEU G 51 8.76 2.13 12.38
C LEU G 51 8.91 0.84 11.60
N ALA G 52 10.09 0.60 11.04
CA ALA G 52 10.32 -0.61 10.26
C ALA G 52 10.23 -1.85 11.15
N ALA G 53 10.75 -1.78 12.37
CA ALA G 53 10.67 -2.92 13.27
C ALA G 53 9.22 -3.24 13.61
N VAL G 54 8.42 -2.22 13.90
CA VAL G 54 7.02 -2.46 14.21
C VAL G 54 6.30 -3.07 13.02
N LEU G 55 6.55 -2.52 11.83
CA LEU G 55 5.92 -3.04 10.62
C LEU G 55 6.32 -4.48 10.37
N GLU G 56 7.60 -4.80 10.56
CA GLU G 56 8.08 -6.15 10.35
C GLU G 56 7.45 -7.12 11.35
N TYR G 57 7.35 -6.72 12.61
CA TYR G 57 6.74 -7.59 13.61
C TYR G 57 5.28 -7.88 13.29
N LEU G 58 4.53 -6.84 12.91
CA LEU G 58 3.13 -7.04 12.56
C LEU G 58 2.98 -7.92 11.34
N THR G 59 3.78 -7.66 10.30
CA THR G 59 3.70 -8.46 9.08
C THR G 59 4.06 -9.91 9.36
N ALA G 60 5.09 -10.12 10.19
CA ALA G 60 5.49 -11.47 10.54
C ALA G 60 4.39 -12.20 11.29
N GLU G 61 3.73 -11.54 12.23
CA GLU G 61 2.65 -12.17 12.97
C GLU G 61 1.50 -12.56 12.04
N ILE G 62 1.11 -11.63 11.16
CA ILE G 62 0.02 -11.93 10.23
C ILE G 62 0.39 -13.08 9.32
N LEU G 63 1.62 -13.06 8.78
CA LEU G 63 2.05 -14.12 7.88
C LEU G 63 2.13 -15.46 8.60
N GLU G 64 2.55 -15.47 9.86
CA GLU G 64 2.67 -16.71 10.60
C GLU G 64 1.31 -17.32 10.89
N LEU G 65 0.35 -16.50 11.30
CA LEU G 65 -1.01 -17.01 11.48
C LEU G 65 -1.56 -17.54 10.16
N ALA G 66 -1.30 -16.82 9.07
CA ALA G 66 -1.75 -17.27 7.76
C ALA G 66 -1.11 -18.60 7.39
N GLY G 67 0.17 -18.77 7.70
CA GLY G 67 0.84 -20.02 7.38
C GLY G 67 0.30 -21.19 8.19
N ASN G 68 0.02 -20.96 9.48
CA ASN G 68 -0.61 -22.00 10.27
C ASN G 68 -1.95 -22.40 9.69
N ALA G 69 -2.77 -21.40 9.33
CA ALA G 69 -4.07 -21.70 8.75
C ALA G 69 -3.95 -22.43 7.42
N ALA G 70 -2.97 -22.04 6.60
CA ALA G 70 -2.81 -22.67 5.30
C ALA G 70 -2.33 -24.11 5.44
N ARG G 71 -1.40 -24.35 6.36
CA ARG G 71 -0.97 -25.73 6.63
C ARG G 71 -2.13 -26.56 7.11
N ASP G 72 -3.00 -25.97 7.94
CA ASP G 72 -4.23 -26.65 8.33
C ASP G 72 -5.18 -26.82 7.15
N ASN G 73 -5.04 -25.99 6.10
CA ASN G 73 -5.94 -26.02 4.96
C ASN G 73 -5.52 -27.01 3.89
N LYS G 74 -4.33 -27.60 4.01
CA LYS G 74 -3.80 -28.54 3.02
C LYS G 74 -3.76 -27.92 1.63
N LYS G 75 -3.31 -26.68 1.55
CA LYS G 75 -3.17 -25.95 0.30
C LYS G 75 -1.72 -25.52 0.13
N THR G 76 -1.42 -24.83 -0.98
CA THR G 76 -0.05 -24.47 -1.28
C THR G 76 0.07 -23.05 -1.83
N ARG G 77 -0.84 -22.14 -1.43
CA ARG G 77 -0.74 -20.76 -1.84
C ARG G 77 -1.59 -19.92 -0.90
N ILE G 78 -1.22 -18.64 -0.75
CA ILE G 78 -1.95 -17.76 0.16
C ILE G 78 -3.22 -17.31 -0.53
N ILE G 79 -4.31 -18.04 -0.32
CA ILE G 79 -5.61 -17.65 -0.84
C ILE G 79 -6.14 -16.51 0.01
N PRO G 80 -6.89 -15.57 -0.57
CA PRO G 80 -7.42 -14.47 0.24
C PRO G 80 -8.32 -14.94 1.38
N ARG G 81 -9.09 -16.01 1.15
CA ARG G 81 -9.95 -16.53 2.20
C ARG G 81 -9.13 -17.03 3.38
N HIS G 82 -7.95 -17.59 3.11
CA HIS G 82 -7.06 -18.01 4.19
C HIS G 82 -6.65 -16.82 5.04
N LEU G 83 -6.29 -15.72 4.39
CA LEU G 83 -5.93 -14.51 5.14
C LEU G 83 -7.10 -14.00 5.95
N GLN G 84 -8.30 -14.03 5.37
CA GLN G 84 -9.48 -13.56 6.10
C GLN G 84 -9.75 -14.42 7.33
N LEU G 85 -9.66 -15.74 7.17
CA LEU G 85 -9.88 -16.63 8.31
C LEU G 85 -8.83 -16.42 9.39
N ALA G 86 -7.57 -16.26 8.98
CA ALA G 86 -6.50 -16.04 9.95
C ALA G 86 -6.72 -14.73 10.71
N ILE G 87 -7.09 -13.66 10.01
CA ILE G 87 -7.27 -12.37 10.66
C ILE G 87 -8.46 -12.40 11.60
N ARG G 88 -9.54 -13.08 11.21
CA ARG G 88 -10.76 -13.08 12.00
C ARG G 88 -10.80 -14.22 13.01
N ASN G 89 -9.76 -15.04 13.10
CA ASN G 89 -9.76 -16.17 14.02
C ASN G 89 -9.09 -15.89 15.36
N ASP G 90 -8.33 -14.80 15.49
CA ASP G 90 -7.61 -14.49 16.70
C ASP G 90 -8.07 -13.14 17.26
N GLU G 91 -8.19 -13.06 18.59
CA GLU G 91 -8.78 -11.89 19.22
C GLU G 91 -7.95 -10.63 19.00
N GLU G 92 -6.62 -10.74 19.13
CA GLU G 92 -5.77 -9.56 19.01
C GLU G 92 -5.86 -8.96 17.62
N LEU G 93 -5.75 -9.82 16.60
CA LEU G 93 -5.89 -9.33 15.22
C LEU G 93 -7.30 -8.82 14.97
N ASN G 94 -8.30 -9.45 15.60
CA ASN G 94 -9.68 -8.99 15.44
C ASN G 94 -9.85 -7.56 15.95
N LYS G 95 -9.24 -7.26 17.10
CA LYS G 95 -9.31 -5.89 17.61
C LYS G 95 -8.48 -4.94 16.75
N LEU G 96 -7.37 -5.43 16.18
CA LEU G 96 -6.49 -4.54 15.41
C LEU G 96 -7.17 -4.00 14.17
N LEU G 97 -7.92 -4.84 13.47
CA LEU G 97 -8.54 -4.47 12.20
C LEU G 97 -9.99 -4.93 12.15
N GLY G 98 -10.74 -4.64 13.20
CA GLY G 98 -12.13 -5.08 13.25
C GLY G 98 -13.01 -4.38 12.23
N LYS G 99 -12.78 -3.10 11.99
CA LYS G 99 -13.62 -2.30 11.10
C LYS G 99 -13.04 -2.19 9.70
N VAL G 100 -12.41 -3.26 9.21
CA VAL G 100 -11.81 -3.29 7.88
C VAL G 100 -12.35 -4.49 7.13
N THR G 101 -12.64 -4.30 5.86
CA THR G 101 -13.15 -5.36 5.01
C THR G 101 -12.06 -5.90 4.10
N ILE G 102 -12.25 -7.14 3.64
CA ILE G 102 -11.33 -7.79 2.72
C ILE G 102 -12.14 -8.28 1.52
N ALA G 103 -11.46 -8.43 0.40
CA ALA G 103 -12.13 -8.76 -0.86
C ALA G 103 -12.18 -10.27 -1.05
N GLN G 104 -13.37 -10.77 -1.42
CA GLN G 104 -13.60 -12.19 -1.68
C GLN G 104 -13.18 -13.05 -0.50
N GLY G 105 -13.41 -12.54 0.71
CA GLY G 105 -12.94 -13.21 1.91
C GLY G 105 -13.94 -14.14 2.56
N GLY G 106 -15.21 -13.76 2.53
CA GLY G 106 -16.22 -14.56 3.20
C GLY G 106 -16.24 -14.32 4.69
N VAL G 107 -17.07 -15.10 5.37
CA VAL G 107 -17.28 -14.96 6.80
C VAL G 107 -16.89 -16.25 7.49
N LEU G 108 -16.61 -16.14 8.78
CA LEU G 108 -16.27 -17.32 9.57
C LEU G 108 -17.50 -18.23 9.71
N PRO G 109 -17.29 -19.54 9.71
CA PRO G 109 -18.44 -20.46 9.81
C PRO G 109 -19.01 -20.47 11.22
N ASN G 110 -20.29 -20.10 11.33
CA ASN G 110 -20.94 -20.05 12.63
C ASN G 110 -22.44 -20.16 12.43
N ILE G 111 -23.08 -20.97 13.27
CA ILE G 111 -24.54 -21.11 13.27
C ILE G 111 -25.01 -21.13 14.71
N GLN G 112 -26.14 -20.47 14.97
CA GLN G 112 -26.66 -20.39 16.33
C GLN G 112 -27.16 -21.76 16.80
N ALA G 113 -26.87 -22.07 18.06
CA ALA G 113 -27.24 -23.38 18.60
C ALA G 113 -28.75 -23.51 18.76
N VAL G 114 -29.44 -22.41 19.08
CA VAL G 114 -30.87 -22.46 19.30
C VAL G 114 -31.62 -22.82 18.04
N LEU G 115 -31.13 -22.37 16.88
CA LEU G 115 -31.81 -22.66 15.62
C LEU G 115 -31.64 -24.10 15.17
N LEU G 116 -30.54 -24.74 15.55
CA LEU G 116 -30.24 -26.08 15.07
C LEU G 116 -31.24 -27.08 15.64
N PRO G 117 -31.45 -28.21 14.95
CA PRO G 117 -32.41 -29.25 15.36
C PRO G 117 -31.80 -30.25 16.34
N LYS H 34 5.64 -0.14 -10.38
CA LYS H 34 5.68 0.91 -9.37
C LYS H 34 6.39 0.42 -8.11
N GLU H 35 6.74 1.35 -7.24
CA GLU H 35 7.38 1.01 -5.98
C GLU H 35 6.32 0.66 -4.94
N SER H 36 6.52 -0.47 -4.27
CA SER H 36 5.62 -0.90 -3.21
C SER H 36 6.46 -1.65 -2.17
N TYR H 37 5.79 -2.39 -1.30
CA TYR H 37 6.47 -3.22 -0.30
C TYR H 37 6.49 -4.69 -0.70
N SER H 38 6.24 -4.98 -1.98
CA SER H 38 6.05 -6.36 -2.40
C SER H 38 7.32 -7.20 -2.22
N VAL H 39 8.48 -6.66 -2.60
CA VAL H 39 9.71 -7.42 -2.53
C VAL H 39 10.06 -7.75 -1.08
N TYR H 40 9.98 -6.74 -0.21
CA TYR H 40 10.24 -6.97 1.21
C TYR H 40 9.22 -7.94 1.79
N VAL H 41 7.97 -7.84 1.36
CA VAL H 41 6.94 -8.76 1.84
C VAL H 41 7.29 -10.19 1.47
N TYR H 42 7.72 -10.40 0.21
CA TYR H 42 8.10 -11.74 -0.23
C TYR H 42 9.28 -12.26 0.56
N LYS H 43 10.29 -11.42 0.78
CA LYS H 43 11.46 -11.85 1.55
C LYS H 43 11.07 -12.23 2.98
N VAL H 44 10.21 -11.42 3.61
CA VAL H 44 9.79 -11.70 4.97
C VAL H 44 8.98 -12.98 5.03
N LEU H 45 8.11 -13.20 4.05
CA LEU H 45 7.34 -14.43 4.01
C LEU H 45 8.25 -15.64 3.85
N LYS H 46 9.27 -15.53 3.00
CA LYS H 46 10.21 -16.63 2.83
C LYS H 46 10.95 -16.92 4.13
N GLN H 47 11.39 -15.87 4.83
CA GLN H 47 12.07 -16.08 6.11
C GLN H 47 11.14 -16.72 7.12
N VAL H 48 9.88 -16.32 7.15
CA VAL H 48 8.94 -16.83 8.14
C VAL H 48 8.61 -18.29 7.87
N HIS H 49 8.37 -18.64 6.60
CA HIS H 49 8.03 -20.00 6.27
C HIS H 49 8.63 -20.28 4.89
N PRO H 50 9.31 -21.41 4.71
CA PRO H 50 9.95 -21.70 3.41
C PRO H 50 9.14 -22.59 2.48
N ASP H 51 7.90 -22.92 2.81
CA ASP H 51 7.12 -23.88 2.03
C ASP H 51 5.71 -23.36 1.78
N THR H 52 5.60 -22.12 1.33
CA THR H 52 4.29 -21.50 1.11
C THR H 52 4.31 -20.69 -0.18
N GLY H 53 3.12 -20.38 -0.67
CA GLY H 53 2.96 -19.53 -1.83
C GLY H 53 2.04 -18.38 -1.52
N ILE H 54 2.21 -17.30 -2.27
CA ILE H 54 1.47 -16.06 -2.06
C ILE H 54 0.77 -15.67 -3.35
N SER H 55 -0.53 -15.45 -3.27
CA SER H 55 -1.27 -14.96 -4.42
C SER H 55 -0.97 -13.48 -4.65
N SER H 56 -1.16 -13.04 -5.90
CA SER H 56 -0.96 -11.63 -6.22
C SER H 56 -1.96 -10.76 -5.49
N LYS H 57 -3.22 -11.18 -5.44
CA LYS H 57 -4.22 -10.46 -4.67
C LYS H 57 -3.83 -10.40 -3.19
N ALA H 58 -3.25 -11.49 -2.69
CA ALA H 58 -2.75 -11.47 -1.32
C ALA H 58 -1.64 -10.44 -1.15
N MET H 59 -0.76 -10.33 -2.15
CA MET H 59 0.30 -9.32 -2.08
C MET H 59 -0.29 -7.92 -2.04
N GLY H 60 -1.31 -7.67 -2.85
CA GLY H 60 -1.97 -6.37 -2.79
C GLY H 60 -2.62 -6.10 -1.45
N ILE H 61 -3.28 -7.11 -0.89
CA ILE H 61 -3.92 -6.95 0.41
C ILE H 61 -2.88 -6.61 1.47
N MET H 62 -1.75 -7.32 1.46
CA MET H 62 -0.69 -7.05 2.43
C MET H 62 -0.12 -5.65 2.25
N ASN H 63 0.04 -5.22 0.99
CA ASN H 63 0.55 -3.88 0.74
C ASN H 63 -0.39 -2.83 1.31
N SER H 64 -1.69 -3.02 1.11
CA SER H 64 -2.66 -2.09 1.68
C SER H 64 -2.59 -2.08 3.20
N PHE H 65 -2.43 -3.26 3.81
CA PHE H 65 -2.34 -3.32 5.26
C PHE H 65 -1.13 -2.55 5.78
N VAL H 66 0.02 -2.71 5.12
CA VAL H 66 1.22 -2.00 5.53
C VAL H 66 1.02 -0.50 5.41
N ASN H 67 0.47 -0.06 4.27
CA ASN H 67 0.26 1.38 4.08
C ASN H 67 -0.68 1.95 5.13
N ASP H 68 -1.77 1.24 5.42
CA ASP H 68 -2.74 1.73 6.40
C ASP H 68 -2.11 1.82 7.79
N ILE H 69 -1.37 0.81 8.20
CA ILE H 69 -0.75 0.84 9.53
C ILE H 69 0.22 2.00 9.63
N PHE H 70 1.04 2.20 8.58
CA PHE H 70 2.00 3.30 8.61
C PHE H 70 1.30 4.64 8.72
N GLU H 71 0.22 4.82 7.95
CA GLU H 71 -0.49 6.10 8.00
C GLU H 71 -1.10 6.35 9.37
N ARG H 72 -1.73 5.33 9.96
CA ARG H 72 -2.36 5.51 11.26
C ARG H 72 -1.33 5.87 12.33
N ILE H 73 -0.21 5.13 12.35
CA ILE H 73 0.81 5.39 13.37
C ILE H 73 1.39 6.79 13.20
N ALA H 74 1.67 7.17 11.95
CA ALA H 74 2.25 8.50 11.71
C ALA H 74 1.29 9.60 12.14
N GLY H 75 0.00 9.46 11.83
CA GLY H 75 -0.96 10.47 12.22
C GLY H 75 -1.08 10.61 13.73
N GLU H 76 -1.13 9.48 14.43
CA GLU H 76 -1.19 9.53 15.89
C GLU H 76 0.05 10.20 16.46
N ALA H 77 1.22 9.87 15.91
CA ALA H 77 2.45 10.48 16.40
C ALA H 77 2.45 11.98 16.18
N SER H 78 2.00 12.42 14.99
CA SER H 78 1.97 13.85 14.70
C SER H 78 1.03 14.58 15.64
N ARG H 79 -0.16 14.02 15.88
CA ARG H 79 -1.10 14.66 16.78
C ARG H 79 -0.52 14.75 18.19
N LEU H 80 0.11 13.67 18.66
CA LEU H 80 0.71 13.70 19.98
C LEU H 80 1.81 14.74 20.06
N ALA H 81 2.62 14.86 19.00
CA ALA H 81 3.69 15.83 19.00
C ALA H 81 3.15 17.25 19.07
N HIS H 82 2.13 17.55 18.27
CA HIS H 82 1.58 18.89 18.25
C HIS H 82 0.93 19.24 19.59
N TYR H 83 0.24 18.27 20.21
CA TYR H 83 -0.39 18.54 21.49
C TYR H 83 0.63 18.73 22.60
N ASN H 84 1.82 18.15 22.45
CA ASN H 84 2.81 18.21 23.52
C ASN H 84 3.63 19.49 23.52
N LYS H 85 3.37 20.39 22.56
CA LYS H 85 4.09 21.67 22.45
C LYS H 85 5.60 21.45 22.29
N ARG H 86 5.96 20.63 21.32
CA ARG H 86 7.33 20.43 20.89
C ARG H 86 7.44 20.80 19.41
N SER H 87 8.59 20.51 18.79
CA SER H 87 8.80 20.93 17.42
C SER H 87 9.41 19.85 16.52
N THR H 88 9.48 18.59 16.96
CA THR H 88 10.04 17.53 16.13
C THR H 88 9.46 16.20 16.57
N ILE H 89 9.61 15.20 15.71
CA ILE H 89 9.14 13.85 15.97
C ILE H 89 10.35 12.97 16.25
N THR H 90 10.35 12.30 17.40
CA THR H 90 11.49 11.50 17.83
C THR H 90 11.01 10.12 18.27
N SER H 91 11.96 9.29 18.70
CA SER H 91 11.69 7.90 18.96
C SER H 91 10.70 7.71 20.11
N ARG H 92 10.83 8.53 21.15
CA ARG H 92 9.94 8.39 22.31
C ARG H 92 8.50 8.64 21.90
N GLU H 93 8.27 9.60 21.01
CA GLU H 93 6.92 9.87 20.53
C GLU H 93 6.35 8.67 19.80
N ILE H 94 7.15 8.05 18.93
CA ILE H 94 6.68 6.89 18.20
C ILE H 94 6.38 5.74 19.15
N GLN H 95 7.22 5.56 20.17
CA GLN H 95 6.98 4.50 21.14
C GLN H 95 5.69 4.72 21.91
N THR H 96 5.44 5.96 22.34
CA THR H 96 4.21 6.27 23.04
C THR H 96 3.00 6.04 22.15
N ALA H 97 3.09 6.44 20.88
CA ALA H 97 1.98 6.23 19.96
C ALA H 97 1.73 4.74 19.74
N VAL H 98 2.79 3.96 19.61
CA VAL H 98 2.64 2.53 19.41
C VAL H 98 1.98 1.91 20.64
N ARG H 99 2.34 2.38 21.82
CA ARG H 99 1.67 1.92 23.03
C ARG H 99 0.20 2.29 23.00
N LEU H 100 -0.12 3.49 22.51
CA LEU H 100 -1.51 3.94 22.52
C LEU H 100 -2.36 3.15 21.54
N LEU H 101 -1.81 2.80 20.38
CA LEU H 101 -2.64 2.27 19.30
C LEU H 101 -2.76 0.74 19.31
N LEU H 102 -1.65 0.03 19.52
CA LEU H 102 -1.65 -1.41 19.33
C LEU H 102 -2.40 -2.13 20.45
N PRO H 103 -2.93 -3.31 20.17
CA PRO H 103 -3.55 -4.12 21.23
C PRO H 103 -2.49 -4.70 22.15
N GLY H 104 -2.94 -5.08 23.35
CA GLY H 104 -2.07 -5.37 24.49
C GLY H 104 -0.86 -6.26 24.31
N GLU H 105 -1.08 -7.57 24.12
CA GLU H 105 0.04 -8.48 24.03
C GLU H 105 0.92 -8.16 22.83
N LEU H 106 0.29 -7.84 21.70
CA LEU H 106 1.04 -7.39 20.53
C LEU H 106 1.82 -6.13 20.86
N ALA H 107 1.25 -5.23 21.65
CA ALA H 107 1.96 -4.02 22.03
C ALA H 107 3.18 -4.33 22.87
N LYS H 108 3.06 -5.27 23.81
CA LYS H 108 4.21 -5.62 24.63
C LYS H 108 5.32 -6.22 23.79
N HIS H 109 4.97 -7.19 22.94
CA HIS H 109 5.98 -7.80 22.08
C HIS H 109 6.61 -6.77 21.15
N ALA H 110 5.80 -5.87 20.61
CA ALA H 110 6.31 -4.86 19.69
C ALA H 110 7.22 -3.87 20.40
N VAL H 111 6.88 -3.49 21.63
CA VAL H 111 7.74 -2.60 22.39
C VAL H 111 9.08 -3.26 22.64
N SER H 112 9.07 -4.55 22.98
CA SER H 112 10.32 -5.27 23.17
C SER H 112 11.15 -5.29 21.89
N GLU H 113 10.50 -5.61 20.77
CA GLU H 113 11.23 -5.66 19.50
C GLU H 113 11.78 -4.30 19.12
N GLY H 114 11.00 -3.25 19.33
CA GLY H 114 11.46 -1.91 19.00
C GLY H 114 12.63 -1.49 19.86
N THR H 115 12.58 -1.80 21.16
CA THR H 115 13.70 -1.49 22.03
C THR H 115 14.95 -2.22 21.58
N LYS H 116 14.82 -3.51 21.25
CA LYS H 116 15.98 -4.28 20.81
C LYS H 116 16.56 -3.73 19.53
N ALA H 117 15.71 -3.39 18.57
CA ALA H 117 16.19 -2.87 17.30
C ALA H 117 16.85 -1.51 17.47
N VAL H 118 16.28 -0.66 18.32
CA VAL H 118 16.88 0.65 18.58
C VAL H 118 18.25 0.47 19.22
N THR H 119 18.37 -0.48 20.15
CA THR H 119 19.67 -0.76 20.74
C THR H 119 20.66 -1.24 19.69
N LYS H 120 20.20 -2.10 18.77
CA LYS H 120 21.09 -2.61 17.74
C LYS H 120 21.57 -1.50 16.82
N TYR H 121 20.65 -0.63 16.38
CA TYR H 121 21.02 0.44 15.46
C TYR H 121 21.90 1.47 16.14
N THR H 122 21.58 1.82 17.39
CA THR H 122 22.39 2.78 18.12
C THR H 122 23.77 2.25 18.45
N SER H 123 23.91 0.92 18.56
CA SER H 123 25.20 0.33 18.84
C SER H 123 26.20 0.50 17.69
N SER H 124 25.72 0.92 16.52
CA SER H 124 26.60 1.17 15.38
C SER H 124 27.58 2.30 15.67
N LEU L 11 25.18 -30.39 -47.01
CA LEU L 11 24.47 -29.94 -48.20
C LEU L 11 23.17 -29.22 -47.83
N ASN L 12 23.25 -28.37 -46.82
CA ASN L 12 22.12 -27.55 -46.35
C ASN L 12 22.52 -26.09 -46.32
N GLY L 13 23.07 -25.60 -47.43
CA GLY L 13 23.54 -24.23 -47.48
C GLY L 13 22.43 -23.20 -47.35
N GLY L 14 21.30 -23.43 -48.01
CA GLY L 14 20.18 -22.51 -47.90
C GLY L 14 19.57 -22.49 -46.52
N ILE L 15 19.39 -23.67 -45.92
CA ILE L 15 18.86 -23.75 -44.56
C ILE L 15 19.81 -23.10 -43.58
N THR L 16 21.12 -23.32 -43.76
CA THR L 16 22.10 -22.69 -42.89
C THR L 16 22.08 -21.17 -43.05
N ASP L 17 21.95 -20.68 -44.29
CA ASP L 17 21.91 -19.24 -44.53
C ASP L 17 20.68 -18.61 -43.89
N MET L 18 19.53 -19.29 -43.96
CA MET L 18 18.33 -18.75 -43.33
C MET L 18 18.42 -18.79 -41.81
N LEU L 19 19.00 -19.85 -41.25
CA LEU L 19 19.16 -19.92 -39.80
C LEU L 19 20.23 -18.94 -39.33
N THR L 20 21.14 -18.53 -40.21
CA THR L 20 22.08 -17.46 -39.86
C THR L 20 21.35 -16.15 -39.58
N GLU L 21 20.40 -15.79 -40.44
CA GLU L 21 19.62 -14.58 -40.21
C GLU L 21 18.68 -14.74 -39.03
N LEU L 22 18.16 -15.95 -38.83
CA LEU L 22 17.30 -16.20 -37.66
C LEU L 22 18.08 -16.03 -36.36
N ALA L 23 19.31 -16.57 -36.32
CA ALA L 23 20.15 -16.43 -35.14
C ALA L 23 20.62 -15.00 -34.94
N ASN L 24 20.90 -14.27 -36.03
CA ASN L 24 21.28 -12.87 -35.89
C ASN L 24 20.12 -12.06 -35.32
N PHE L 25 18.89 -12.36 -35.76
CA PHE L 25 17.71 -11.71 -35.21
C PHE L 25 17.52 -12.07 -33.74
N GLU L 26 17.74 -13.33 -33.38
CA GLU L 26 17.56 -13.76 -31.99
C GLU L 26 18.66 -13.21 -31.07
N LYS L 27 19.86 -12.98 -31.60
CA LYS L 27 20.96 -12.50 -30.79
C LYS L 27 20.93 -10.98 -30.66
N ASN L 28 20.82 -10.27 -31.79
CA ASN L 28 20.96 -8.82 -31.80
C ASN L 28 19.63 -8.07 -31.73
N VAL L 29 18.55 -8.65 -32.25
CA VAL L 29 17.24 -7.98 -32.22
C VAL L 29 16.43 -8.52 -31.05
N SER L 30 16.23 -9.84 -31.01
CA SER L 30 15.48 -10.44 -29.91
C SER L 30 16.30 -10.55 -28.63
N GLN L 31 17.61 -10.40 -28.73
CA GLN L 31 18.51 -10.44 -27.56
C GLN L 31 18.37 -11.74 -26.79
N ALA L 32 18.18 -12.84 -27.50
CA ALA L 32 17.92 -14.14 -26.90
C ALA L 32 19.15 -15.02 -27.11
N ILE L 33 20.00 -15.08 -26.08
CA ILE L 33 21.15 -15.98 -26.14
C ILE L 33 20.71 -17.42 -26.14
N HIS L 34 19.69 -17.75 -25.35
CA HIS L 34 19.17 -19.12 -25.31
C HIS L 34 18.53 -19.53 -26.63
N LYS L 35 18.13 -18.57 -27.46
CA LYS L 35 17.63 -18.86 -28.80
C LYS L 35 18.72 -18.73 -29.86
N TYR L 36 19.62 -17.75 -29.72
CA TYR L 36 20.69 -17.58 -30.69
C TYR L 36 21.63 -18.78 -30.70
N ASN L 37 22.00 -19.28 -29.52
CA ASN L 37 22.90 -20.43 -29.45
C ASN L 37 22.25 -21.67 -30.06
N ALA L 38 20.97 -21.90 -29.75
CA ALA L 38 20.26 -23.05 -30.31
C ALA L 38 20.13 -22.94 -31.82
N TYR L 39 19.81 -21.75 -32.33
CA TYR L 39 19.69 -21.56 -33.77
C TYR L 39 21.03 -21.77 -34.47
N ARG L 40 22.12 -21.26 -33.87
CA ARG L 40 23.44 -21.45 -34.45
C ARG L 40 23.83 -22.93 -34.44
N LYS L 41 23.53 -23.64 -33.35
CA LYS L 41 23.83 -25.07 -33.30
C LYS L 41 23.02 -25.85 -34.33
N ALA L 42 21.74 -25.52 -34.50
CA ALA L 42 20.92 -26.18 -35.51
C ALA L 42 21.44 -25.91 -36.91
N ALA L 43 21.83 -24.66 -37.18
CA ALA L 43 22.39 -24.32 -38.48
C ALA L 43 23.69 -25.08 -38.74
N SER L 44 24.55 -25.17 -37.72
CA SER L 44 25.80 -25.90 -37.87
C SER L 44 25.55 -27.38 -38.12
N VAL L 45 24.58 -27.96 -37.42
CA VAL L 45 24.26 -29.36 -37.62
C VAL L 45 23.69 -29.60 -39.01
N ILE L 46 22.89 -28.66 -39.51
CA ILE L 46 22.33 -28.80 -40.85
C ILE L 46 23.43 -28.68 -41.90
N ALA L 47 24.32 -27.68 -41.77
CA ALA L 47 25.36 -27.47 -42.77
C ALA L 47 26.42 -28.56 -42.71
N LYS L 48 26.63 -29.16 -41.55
CA LYS L 48 27.64 -30.21 -41.41
C LYS L 48 27.18 -31.54 -41.98
N TYR L 49 25.88 -31.71 -42.22
CA TYR L 49 25.39 -32.94 -42.82
C TYR L 49 25.67 -32.91 -44.32
N PRO L 50 26.42 -33.87 -44.86
CA PRO L 50 26.71 -33.88 -46.30
C PRO L 50 25.59 -34.54 -47.11
N HIS L 51 24.37 -34.07 -46.90
CA HIS L 51 23.21 -34.60 -47.59
C HIS L 51 22.15 -33.52 -47.68
N LYS L 52 21.31 -33.60 -48.71
CA LYS L 52 20.22 -32.65 -48.89
C LYS L 52 19.07 -33.01 -47.95
N ILE L 53 18.51 -32.00 -47.31
CA ILE L 53 17.37 -32.19 -46.41
C ILE L 53 16.11 -32.28 -47.26
N LYS L 54 15.39 -33.39 -47.13
CA LYS L 54 14.16 -33.62 -47.89
C LYS L 54 12.90 -33.38 -47.08
N SER L 55 12.92 -33.71 -45.78
CA SER L 55 11.80 -33.47 -44.90
C SER L 55 12.32 -32.94 -43.57
N GLY L 56 11.47 -32.17 -42.88
CA GLY L 56 11.84 -31.70 -41.55
C GLY L 56 12.03 -32.81 -40.56
N ALA L 57 11.25 -33.90 -40.69
CA ALA L 57 11.44 -35.06 -39.84
C ALA L 57 12.80 -35.71 -40.08
N GLU L 58 13.24 -35.73 -41.34
CA GLU L 58 14.56 -36.27 -41.66
C GLU L 58 15.67 -35.46 -41.01
N ALA L 59 15.54 -34.12 -41.02
CA ALA L 59 16.54 -33.28 -40.38
C ALA L 59 16.42 -33.30 -38.86
N LYS L 60 15.27 -33.67 -38.32
CA LYS L 60 15.10 -33.74 -36.87
C LYS L 60 15.92 -34.87 -36.25
N LYS L 61 16.36 -35.83 -37.05
CA LYS L 61 17.23 -36.89 -36.53
C LYS L 61 18.58 -36.34 -36.11
N LEU L 62 19.09 -35.37 -36.86
CA LEU L 62 20.37 -34.75 -36.51
C LEU L 62 20.21 -33.96 -35.21
N PRO L 63 21.24 -33.97 -34.34
CA PRO L 63 21.13 -33.24 -33.08
C PRO L 63 21.05 -31.74 -33.28
N GLY L 64 20.37 -31.07 -32.34
CA GLY L 64 20.21 -29.63 -32.39
C GLY L 64 18.99 -29.15 -33.14
N VAL L 65 18.24 -30.04 -33.78
CA VAL L 65 17.03 -29.68 -34.52
C VAL L 65 15.83 -30.22 -33.74
N GLY L 66 14.92 -29.33 -33.36
CA GLY L 66 13.74 -29.71 -32.60
C GLY L 66 12.45 -29.54 -33.39
N THR L 67 11.33 -29.36 -32.69
CA THR L 67 10.07 -29.14 -33.39
C THR L 67 10.09 -27.83 -34.17
N LYS L 68 10.60 -26.77 -33.56
CA LYS L 68 10.69 -25.49 -34.25
C LYS L 68 11.65 -25.57 -35.44
N ILE L 69 12.81 -26.21 -35.25
CA ILE L 69 13.79 -26.30 -36.32
C ILE L 69 13.26 -27.15 -37.47
N ALA L 70 12.64 -28.28 -37.15
CA ALA L 70 12.07 -29.14 -38.19
C ALA L 70 10.94 -28.43 -38.93
N GLU L 71 10.08 -27.73 -38.20
CA GLU L 71 8.99 -26.99 -38.85
C GLU L 71 9.53 -25.89 -39.74
N LYS L 72 10.57 -25.19 -39.30
CA LYS L 72 11.17 -24.14 -40.12
C LYS L 72 11.80 -24.73 -41.38
N ILE L 73 12.49 -25.87 -41.25
CA ILE L 73 13.10 -26.50 -42.41
C ILE L 73 12.03 -26.97 -43.39
N ASP L 74 10.94 -27.54 -42.87
CA ASP L 74 9.86 -27.99 -43.74
C ASP L 74 9.19 -26.83 -44.46
N GLU L 75 8.95 -25.71 -43.75
CA GLU L 75 8.36 -24.54 -44.38
C GLU L 75 9.29 -23.94 -45.42
N PHE L 76 10.59 -23.90 -45.13
CA PHE L 76 11.55 -23.38 -46.10
C PHE L 76 11.61 -24.27 -47.35
N LEU L 77 11.51 -25.58 -47.17
CA LEU L 77 11.48 -26.48 -48.31
C LEU L 77 10.19 -26.31 -49.11
N ALA L 78 9.07 -26.11 -48.42
CA ALA L 78 7.77 -26.08 -49.10
C ALA L 78 7.57 -24.76 -49.86
N THR L 79 7.96 -23.63 -49.26
CA THR L 79 7.66 -22.33 -49.84
C THR L 79 8.89 -21.60 -50.37
N GLY L 80 10.10 -22.11 -50.12
CA GLY L 80 11.31 -21.45 -50.54
C GLY L 80 11.81 -20.38 -49.61
N LYS L 81 11.03 -20.03 -48.58
CA LYS L 81 11.41 -19.01 -47.61
C LYS L 81 10.50 -19.17 -46.40
N LEU L 82 10.68 -18.28 -45.43
CA LEU L 82 9.85 -18.24 -44.22
C LEU L 82 9.13 -16.91 -44.17
N ARG L 83 7.83 -16.95 -43.83
CA ARG L 83 7.08 -15.71 -43.68
C ARG L 83 7.68 -14.85 -42.57
N LYS L 84 8.10 -15.48 -41.47
CA LYS L 84 8.78 -14.76 -40.40
C LYS L 84 10.08 -14.14 -40.88
N LEU L 85 10.86 -14.90 -41.65
CA LEU L 85 12.13 -14.38 -42.16
C LEU L 85 11.91 -13.20 -43.09
N GLU L 86 10.93 -13.30 -43.99
CA GLU L 86 10.63 -12.19 -44.89
C GLU L 86 10.11 -10.97 -44.13
N LYS L 87 9.26 -11.19 -43.14
CA LYS L 87 8.75 -10.08 -42.35
C LYS L 87 9.88 -9.39 -41.58
N ILE L 88 10.81 -10.17 -41.02
CA ILE L 88 11.96 -9.60 -40.33
C ILE L 88 12.90 -8.88 -41.29
N ARG L 89 13.02 -9.37 -42.53
CA ARG L 89 13.82 -8.68 -43.53
C ARG L 89 13.19 -7.36 -43.93
N GLN L 90 11.87 -7.33 -44.07
CA GLN L 90 11.16 -6.12 -44.45
C GLN L 90 11.00 -5.13 -43.30
N ASP L 91 11.34 -5.53 -42.07
CA ASP L 91 11.24 -4.63 -40.93
C ASP L 91 12.38 -3.62 -40.97
N ASP L 92 12.03 -2.33 -41.03
CA ASP L 92 13.05 -1.28 -41.07
C ASP L 92 13.81 -1.18 -39.75
N THR L 93 13.11 -1.29 -38.63
CA THR L 93 13.77 -1.15 -37.32
C THR L 93 14.71 -2.31 -37.05
N SER L 94 14.28 -3.54 -37.35
CA SER L 94 15.14 -4.70 -37.14
C SER L 94 16.37 -4.65 -38.03
N SER L 95 16.19 -4.25 -39.30
CA SER L 95 17.33 -4.11 -40.20
C SER L 95 18.28 -3.02 -39.73
N SER L 96 17.73 -1.90 -39.22
CA SER L 96 18.57 -0.84 -38.69
C SER L 96 19.35 -1.32 -37.47
N ILE L 97 18.72 -2.10 -36.60
CA ILE L 97 19.41 -2.65 -35.44
C ILE L 97 20.52 -3.59 -35.87
N ASN L 98 20.24 -4.45 -36.86
CA ASN L 98 21.27 -5.36 -37.36
C ASN L 98 22.44 -4.59 -37.97
N PHE L 99 22.15 -3.53 -38.72
CA PHE L 99 23.20 -2.72 -39.32
C PHE L 99 24.03 -2.00 -38.25
N LEU L 100 23.37 -1.47 -37.22
CA LEU L 100 24.10 -0.76 -36.17
C LEU L 100 24.95 -1.72 -35.35
N THR L 101 24.42 -2.91 -35.03
CA THR L 101 25.20 -3.90 -34.30
C THR L 101 26.27 -4.56 -35.15
N ARG L 102 26.16 -4.46 -36.48
CA ARG L 102 27.18 -5.04 -37.35
C ARG L 102 28.53 -4.37 -37.17
N VAL L 103 28.53 -3.09 -36.78
CA VAL L 103 29.78 -2.40 -36.48
C VAL L 103 30.25 -2.79 -35.09
N SER L 104 31.53 -3.12 -34.98
CA SER L 104 32.09 -3.52 -33.69
C SER L 104 32.07 -2.35 -32.71
N GLY L 105 31.87 -2.67 -31.43
CA GLY L 105 31.68 -1.68 -30.40
C GLY L 105 30.24 -1.32 -30.12
N ILE L 106 29.32 -1.69 -31.02
CA ILE L 106 27.89 -1.46 -30.84
C ILE L 106 27.20 -2.82 -30.82
N GLY L 107 26.45 -3.09 -29.76
CA GLY L 107 25.80 -4.37 -29.61
C GLY L 107 24.29 -4.26 -29.75
N PRO L 108 23.57 -5.16 -29.06
CA PRO L 108 22.10 -5.12 -29.16
C PRO L 108 21.50 -3.85 -28.57
N SER L 109 21.90 -3.48 -27.36
CA SER L 109 21.36 -2.27 -26.74
C SER L 109 21.88 -1.01 -27.46
N ALA L 110 23.12 -1.02 -27.93
CA ALA L 110 23.64 0.12 -28.68
C ALA L 110 22.85 0.31 -29.97
N ALA L 111 22.60 -0.78 -30.69
CA ALA L 111 21.80 -0.71 -31.91
C ALA L 111 20.38 -0.26 -31.61
N ARG L 112 19.80 -0.76 -30.50
CA ARG L 112 18.45 -0.39 -30.12
C ARG L 112 18.36 1.09 -29.77
N LYS L 113 19.35 1.61 -29.04
CA LYS L 113 19.37 3.03 -28.70
C LYS L 113 19.58 3.89 -29.95
N PHE L 114 20.44 3.43 -30.86
CA PHE L 114 20.66 4.19 -32.10
C PHE L 114 19.40 4.23 -32.95
N VAL L 115 18.71 3.10 -33.09
CA VAL L 115 17.49 3.06 -33.89
C VAL L 115 16.38 3.85 -33.21
N ASP L 116 16.30 3.79 -31.88
CA ASP L 116 15.33 4.59 -31.15
C ASP L 116 15.64 6.08 -31.24
N GLU L 117 16.91 6.44 -31.34
CA GLU L 117 17.33 7.83 -31.50
C GLU L 117 17.42 8.24 -32.97
N GLY L 118 17.04 7.35 -33.90
CA GLY L 118 17.05 7.67 -35.31
C GLY L 118 18.33 7.34 -36.03
N ILE L 119 19.39 6.95 -35.32
CA ILE L 119 20.66 6.58 -35.95
C ILE L 119 20.48 5.16 -36.51
N LYS L 120 20.25 5.07 -37.82
CA LYS L 120 20.00 3.80 -38.46
C LYS L 120 21.00 3.44 -39.55
N THR L 121 21.75 4.40 -40.09
CA THR L 121 22.73 4.16 -41.13
C THR L 121 24.09 4.64 -40.67
N LEU L 122 25.13 4.25 -41.43
CA LEU L 122 26.48 4.72 -41.14
C LEU L 122 26.60 6.23 -41.33
N GLU L 123 25.73 6.83 -42.14
CA GLU L 123 25.74 8.28 -42.29
C GLU L 123 25.39 8.98 -40.98
N ASP L 124 24.40 8.46 -40.26
CA ASP L 124 24.06 9.02 -38.96
C ASP L 124 25.20 8.83 -37.97
N LEU L 125 25.86 7.67 -38.01
CA LEU L 125 26.99 7.41 -37.12
C LEU L 125 28.14 8.37 -37.39
N ARG L 126 28.43 8.64 -38.67
CA ARG L 126 29.44 9.64 -39.00
C ARG L 126 29.01 11.04 -38.58
N LYS L 127 27.71 11.32 -38.66
CA LYS L 127 27.16 12.58 -38.20
C LYS L 127 26.99 12.65 -36.70
N ASN L 128 27.04 11.52 -36.00
CA ASN L 128 26.93 11.47 -34.55
C ASN L 128 28.14 10.79 -33.93
N GLU L 129 29.34 11.17 -34.38
CA GLU L 129 30.57 10.63 -33.81
C GLU L 129 30.71 11.03 -32.34
N ASP L 130 30.15 12.19 -31.96
CA ASP L 130 30.12 12.57 -30.55
C ASP L 130 29.27 11.61 -29.74
N LYS L 131 28.31 10.95 -30.37
CA LYS L 131 27.53 9.90 -29.75
C LYS L 131 28.23 8.54 -29.84
N LEU L 132 29.43 8.50 -30.41
CA LEU L 132 30.23 7.29 -30.49
C LEU L 132 31.44 7.42 -29.57
N ASN L 133 31.69 6.37 -28.79
CA ASN L 133 32.83 6.35 -27.87
C ASN L 133 34.12 6.14 -28.66
N HIS L 134 35.23 6.00 -27.95
CA HIS L 134 36.51 5.76 -28.62
C HIS L 134 36.47 4.44 -29.39
N HIS L 135 35.96 3.38 -28.74
CA HIS L 135 35.79 2.11 -29.44
C HIS L 135 34.75 2.22 -30.55
N GLN L 136 33.64 2.92 -30.28
CA GLN L 136 32.61 3.08 -31.31
C GLN L 136 33.10 3.91 -32.49
N ARG L 137 33.82 5.01 -32.21
CA ARG L 137 34.37 5.82 -33.29
C ARG L 137 35.43 5.05 -34.08
N ILE L 138 36.24 4.25 -33.39
CA ILE L 138 37.25 3.43 -34.07
C ILE L 138 36.57 2.40 -34.97
N GLY L 139 35.51 1.77 -34.48
CA GLY L 139 34.77 0.82 -35.31
C GLY L 139 34.10 1.50 -36.49
N LEU L 140 33.58 2.71 -36.29
CA LEU L 140 32.96 3.45 -37.38
C LEU L 140 33.99 3.85 -38.43
N LYS L 141 35.21 4.18 -38.01
CA LYS L 141 36.22 4.62 -38.95
C LYS L 141 36.66 3.50 -39.88
N TYR L 142 36.81 2.29 -39.37
CA TYR L 142 37.33 1.16 -40.14
C TYR L 142 36.41 -0.05 -40.06
N PHE L 143 35.10 0.16 -40.21
CA PHE L 143 34.17 -0.96 -40.24
C PHE L 143 34.38 -1.83 -41.48
N GLY L 144 34.55 -1.19 -42.63
CA GLY L 144 34.85 -1.94 -43.84
C GLY L 144 36.22 -2.60 -43.79
N ASP L 145 37.19 -1.92 -43.19
CA ASP L 145 38.51 -2.50 -43.01
C ASP L 145 38.47 -3.69 -42.04
N PHE L 146 37.65 -3.59 -40.99
CA PHE L 146 37.46 -4.73 -40.10
C PHE L 146 36.70 -5.86 -40.78
N GLU L 147 35.82 -5.52 -41.73
CA GLU L 147 35.03 -6.51 -42.44
C GLU L 147 35.83 -7.29 -43.46
N LYS L 148 37.04 -6.85 -43.78
CA LYS L 148 37.87 -7.54 -44.75
C LYS L 148 38.75 -8.57 -44.06
N ARG L 149 39.04 -9.64 -44.80
CA ARG L 149 39.88 -10.72 -44.28
C ARG L 149 41.36 -10.37 -44.46
N ILE L 150 42.20 -11.10 -43.74
CA ILE L 150 43.64 -10.90 -43.75
C ILE L 150 44.27 -12.01 -44.57
N PRO L 151 44.95 -11.72 -45.67
CA PRO L 151 45.59 -12.78 -46.45
C PRO L 151 46.73 -13.43 -45.66
N ARG L 152 46.99 -14.69 -46.01
CA ARG L 152 48.02 -15.44 -45.30
C ARG L 152 49.40 -14.81 -45.46
N GLU L 153 49.67 -14.20 -46.61
CA GLU L 153 50.95 -13.52 -46.79
C GLU L 153 51.02 -12.25 -45.94
N GLU L 154 49.96 -11.45 -45.97
CA GLU L 154 49.93 -10.24 -45.15
C GLU L 154 49.92 -10.58 -43.67
N MET L 155 49.17 -11.62 -43.29
CA MET L 155 49.15 -12.06 -41.90
C MET L 155 50.53 -12.56 -41.46
N LEU L 156 51.21 -13.31 -42.33
CA LEU L 156 52.55 -13.78 -42.00
C LEU L 156 53.53 -12.62 -41.87
N GLN L 157 53.43 -11.63 -42.76
CA GLN L 157 54.30 -10.46 -42.66
C GLN L 157 54.05 -9.69 -41.37
N MET L 158 52.79 -9.50 -41.01
CA MET L 158 52.48 -8.82 -39.75
C MET L 158 52.94 -9.62 -38.55
N GLN L 159 52.81 -10.95 -38.60
CA GLN L 159 53.29 -11.79 -37.50
C GLN L 159 54.80 -11.72 -37.36
N ASP L 160 55.52 -11.73 -38.49
CA ASP L 160 56.97 -11.58 -38.44
C ASP L 160 57.37 -10.23 -37.87
N ILE L 161 56.67 -9.17 -38.27
CA ILE L 161 56.96 -7.84 -37.75
C ILE L 161 56.71 -7.79 -36.25
N VAL L 162 55.60 -8.37 -35.80
CA VAL L 162 55.26 -8.37 -34.38
C VAL L 162 56.28 -9.17 -33.58
N LEU L 163 56.71 -10.32 -34.12
CA LEU L 163 57.72 -11.13 -33.43
C LEU L 163 59.05 -10.39 -33.35
N ASN L 164 59.42 -9.69 -34.42
CA ASN L 164 60.65 -8.90 -34.41
C ASN L 164 60.56 -7.79 -33.37
N GLU L 165 59.41 -7.12 -33.29
CA GLU L 165 59.23 -6.06 -32.29
C GLU L 165 59.28 -6.62 -30.88
N VAL L 166 58.69 -7.80 -30.66
CA VAL L 166 58.70 -8.42 -29.35
C VAL L 166 60.12 -8.80 -28.95
N LYS L 167 60.88 -9.38 -29.89
CA LYS L 167 62.27 -9.75 -29.60
C LYS L 167 63.14 -8.53 -29.34
N LYS L 168 62.93 -7.45 -30.09
CA LYS L 168 63.71 -6.23 -29.90
C LYS L 168 63.36 -5.57 -28.57
N VAL L 169 62.09 -5.58 -28.17
CA VAL L 169 61.69 -5.01 -26.90
C VAL L 169 62.33 -5.79 -25.76
N ASP L 170 62.29 -7.12 -25.83
CA ASP L 170 62.95 -7.97 -24.85
C ASP L 170 63.19 -9.32 -25.48
N SER L 171 64.44 -9.79 -25.43
CA SER L 171 64.75 -11.11 -25.99
C SER L 171 64.09 -12.23 -25.19
N GLU L 172 63.80 -11.99 -23.91
CA GLU L 172 63.11 -12.97 -23.09
C GLU L 172 61.62 -13.07 -23.41
N TYR L 173 61.08 -12.13 -24.18
CA TYR L 173 59.68 -12.20 -24.57
C TYR L 173 59.48 -13.33 -25.58
N ILE L 174 58.38 -14.08 -25.40
CA ILE L 174 58.03 -15.19 -26.28
C ILE L 174 56.67 -14.88 -26.89
N ALA L 175 56.62 -14.85 -28.22
CA ALA L 175 55.40 -14.52 -28.94
C ALA L 175 54.92 -15.73 -29.72
N THR L 176 53.65 -16.06 -29.58
CA THR L 176 53.04 -17.18 -30.28
C THR L 176 51.82 -16.68 -31.04
N VAL L 177 51.77 -16.98 -32.33
CA VAL L 177 50.63 -16.67 -33.17
C VAL L 177 49.71 -17.87 -33.12
N CYS L 178 48.73 -17.83 -32.23
CA CYS L 178 47.83 -18.95 -32.03
C CYS L 178 46.62 -18.84 -32.95
N GLY L 179 45.73 -19.82 -32.87
CA GLY L 179 44.52 -19.80 -33.65
C GLY L 179 44.65 -20.52 -34.97
N SER L 180 43.83 -20.06 -35.93
CA SER L 180 43.91 -20.59 -37.29
C SER L 180 45.26 -20.28 -37.93
N PHE L 181 45.90 -19.18 -37.53
CA PHE L 181 47.26 -18.92 -37.97
C PHE L 181 48.21 -20.00 -37.48
N ARG L 182 48.06 -20.41 -36.22
CA ARG L 182 48.76 -21.60 -35.74
C ARG L 182 48.23 -22.85 -36.44
N ARG L 183 46.92 -22.94 -36.60
CA ARG L 183 46.31 -24.11 -37.23
C ARG L 183 46.58 -24.20 -38.73
N GLY L 184 47.09 -23.13 -39.35
CA GLY L 184 47.50 -23.17 -40.73
C GLY L 184 46.45 -22.75 -41.74
N ALA L 185 45.38 -22.09 -41.32
CA ALA L 185 44.35 -21.67 -42.24
C ALA L 185 44.87 -20.59 -43.19
N GLU L 186 44.29 -20.55 -44.39
CA GLU L 186 44.75 -19.65 -45.44
C GLU L 186 44.39 -18.19 -45.18
N SER L 187 43.51 -17.92 -44.22
CA SER L 187 43.11 -16.54 -43.94
C SER L 187 42.65 -16.43 -42.50
N SER L 188 42.58 -15.19 -42.02
CA SER L 188 42.09 -14.91 -40.68
C SER L 188 41.38 -13.56 -40.70
N GLY L 189 40.48 -13.37 -39.74
CA GLY L 189 39.76 -12.11 -39.62
C GLY L 189 40.45 -11.14 -38.69
N ASP L 190 41.38 -11.64 -37.88
CA ASP L 190 42.08 -10.82 -36.91
C ASP L 190 43.35 -11.54 -36.49
N MET L 191 44.17 -10.84 -35.71
CA MET L 191 45.42 -11.39 -35.18
C MET L 191 45.28 -11.58 -33.68
N ASP L 192 45.61 -12.78 -33.20
CA ASP L 192 45.57 -13.12 -31.78
C ASP L 192 46.97 -13.56 -31.36
N VAL L 193 47.64 -12.72 -30.57
CA VAL L 193 49.01 -12.95 -30.16
C VAL L 193 49.03 -13.32 -28.68
N LEU L 194 49.80 -14.34 -28.33
CA LEU L 194 50.02 -14.74 -26.94
C LEU L 194 51.47 -14.44 -26.57
N LEU L 195 51.66 -13.76 -25.44
CA LEU L 195 52.98 -13.32 -25.01
C LEU L 195 53.33 -13.95 -23.67
N THR L 196 54.62 -14.25 -23.51
CA THR L 196 55.15 -14.80 -22.27
C THR L 196 56.46 -14.12 -21.94
N HIS L 197 56.82 -14.17 -20.66
CA HIS L 197 58.01 -13.50 -20.14
C HIS L 197 58.47 -14.26 -18.90
N PRO L 198 59.78 -14.43 -18.71
CA PRO L 198 60.26 -15.14 -17.52
C PRO L 198 59.92 -14.44 -16.21
N SER L 199 59.86 -13.11 -16.19
CA SER L 199 59.66 -12.37 -14.96
C SER L 199 58.20 -12.27 -14.53
N PHE L 200 57.24 -12.58 -15.41
CA PHE L 200 55.82 -12.50 -15.10
C PHE L 200 55.25 -13.91 -15.11
N THR L 201 54.93 -14.43 -13.93
CA THR L 201 54.37 -15.76 -13.76
C THR L 201 53.06 -15.68 -13.00
N SER L 202 52.48 -16.85 -12.69
CA SER L 202 51.24 -16.89 -11.91
C SER L 202 51.47 -16.39 -10.50
N GLU L 203 52.69 -16.52 -9.98
CA GLU L 203 53.08 -15.98 -8.69
C GLU L 203 54.15 -14.90 -8.85
N PRO L 208 53.82 -5.53 -15.05
CA PRO L 208 52.65 -4.93 -15.71
C PRO L 208 52.98 -4.01 -16.87
N LYS L 209 54.21 -3.50 -16.96
CA LYS L 209 54.60 -2.60 -18.03
C LYS L 209 55.22 -3.33 -19.20
N LEU L 210 55.30 -4.66 -19.16
CA LEU L 210 55.77 -5.41 -20.31
C LEU L 210 54.81 -5.27 -21.49
N LEU L 211 53.50 -5.35 -21.23
CA LEU L 211 52.53 -5.15 -22.29
C LEU L 211 52.50 -3.71 -22.77
N HIS L 212 52.65 -2.75 -21.86
CA HIS L 212 52.74 -1.35 -22.28
C HIS L 212 54.00 -1.09 -23.09
N GLN L 213 55.12 -1.72 -22.70
CA GLN L 213 56.36 -1.58 -23.46
C GLN L 213 56.22 -2.20 -24.84
N VAL L 214 55.55 -3.36 -24.92
CA VAL L 214 55.33 -4.01 -26.22
C VAL L 214 54.47 -3.12 -27.11
N VAL L 215 53.42 -2.52 -26.54
CA VAL L 215 52.56 -1.63 -27.31
C VAL L 215 53.34 -0.41 -27.79
N GLU L 216 54.17 0.17 -26.91
CA GLU L 216 54.96 1.33 -27.30
C GLU L 216 55.96 0.98 -28.39
N GLN L 217 56.59 -0.19 -28.28
CA GLN L 217 57.53 -0.64 -29.31
C GLN L 217 56.82 -0.86 -30.64
N LEU L 218 55.62 -1.44 -30.62
CA LEU L 218 54.87 -1.65 -31.85
C LEU L 218 54.44 -0.34 -32.47
N GLN L 219 54.02 0.62 -31.66
CA GLN L 219 53.59 1.91 -32.18
C GLN L 219 54.76 2.77 -32.65
N LYS L 220 55.96 2.52 -32.09
CA LYS L 220 57.13 3.32 -32.46
C LYS L 220 57.52 3.10 -33.90
N VAL L 221 57.36 1.87 -34.41
CA VAL L 221 57.67 1.55 -35.80
C VAL L 221 56.44 1.83 -36.66
N HIS L 222 55.44 2.50 -36.07
CA HIS L 222 54.20 2.86 -36.75
C HIS L 222 53.44 1.64 -37.25
N PHE L 223 53.54 0.53 -36.53
CA PHE L 223 52.81 -0.69 -36.90
C PHE L 223 51.36 -0.61 -36.43
N ILE L 224 51.16 -0.43 -35.12
CA ILE L 224 49.81 -0.29 -34.57
C ILE L 224 49.33 1.12 -34.86
N THR L 225 48.20 1.23 -35.56
CA THR L 225 47.68 2.52 -35.97
C THR L 225 46.72 3.13 -34.96
N ASP L 226 45.87 2.32 -34.33
CA ASP L 226 44.91 2.83 -33.36
C ASP L 226 44.84 1.89 -32.18
N THR L 227 44.42 2.44 -31.03
CA THR L 227 44.28 1.67 -29.80
C THR L 227 42.87 1.86 -29.25
N LEU L 228 42.15 0.75 -29.07
CA LEU L 228 40.83 0.79 -28.47
C LEU L 228 40.89 0.61 -26.95
N SER L 229 41.75 -0.30 -26.48
CA SER L 229 41.92 -0.52 -25.06
C SER L 229 43.31 -1.09 -24.82
N LYS L 230 43.98 -0.60 -23.78
CA LYS L 230 45.33 -1.04 -23.45
C LYS L 230 45.42 -1.24 -21.93
N GLY L 231 45.64 -2.48 -21.51
CA GLY L 231 45.78 -2.77 -20.10
C GLY L 231 47.07 -3.48 -19.77
N GLU L 232 47.20 -3.96 -18.53
CA GLU L 232 48.38 -4.70 -18.11
C GLU L 232 48.34 -6.17 -18.52
N THR L 233 47.19 -6.67 -18.98
CA THR L 233 47.05 -8.07 -19.36
C THR L 233 46.79 -8.26 -20.84
N LYS L 234 45.81 -7.56 -21.41
CA LYS L 234 45.47 -7.68 -22.82
C LYS L 234 45.35 -6.30 -23.44
N PHE L 235 45.86 -6.18 -24.67
CA PHE L 235 45.79 -4.92 -25.41
C PHE L 235 45.25 -5.20 -26.80
N MET L 236 44.27 -4.39 -27.22
CA MET L 236 43.60 -4.55 -28.50
C MET L 236 43.73 -3.26 -29.30
N GLY L 237 44.03 -3.40 -30.59
CA GLY L 237 44.16 -2.24 -31.43
C GLY L 237 43.97 -2.58 -32.89
N VAL L 238 44.22 -1.58 -33.73
CA VAL L 238 44.13 -1.72 -35.18
C VAL L 238 45.50 -1.44 -35.77
N CYS L 239 46.01 -2.40 -36.55
CA CYS L 239 47.32 -2.32 -37.19
C CYS L 239 47.21 -2.84 -38.61
N GLN L 240 48.15 -2.43 -39.46
CA GLN L 240 48.12 -2.80 -40.86
C GLN L 240 49.54 -2.91 -41.40
N LEU L 241 49.78 -3.91 -42.23
CA LEU L 241 51.09 -4.06 -42.86
C LEU L 241 51.34 -2.88 -43.81
N PRO L 242 52.48 -2.22 -43.70
CA PRO L 242 52.70 -1.01 -44.50
C PRO L 242 52.88 -1.30 -45.98
N SER L 243 52.48 -0.34 -46.80
CA SER L 243 52.69 -0.41 -48.24
C SER L 243 54.07 0.14 -48.60
N LYS L 244 54.61 -0.35 -49.71
CA LYS L 244 55.97 0.00 -50.11
C LYS L 244 56.01 1.25 -50.98
N ASN L 245 55.35 2.32 -50.52
CA ASN L 245 55.39 3.68 -51.06
C ASN L 245 54.79 3.81 -52.45
N ASP L 246 54.36 2.72 -53.07
CA ASP L 246 53.76 2.80 -54.41
C ASP L 246 52.46 2.03 -54.57
N GLU L 247 52.17 1.04 -53.73
CA GLU L 247 50.96 0.26 -53.84
C GLU L 247 49.85 0.82 -52.93
N LYS L 248 48.66 0.25 -53.06
CA LYS L 248 47.54 0.65 -52.21
C LYS L 248 47.80 0.22 -50.78
N GLU L 249 47.32 1.03 -49.84
CA GLU L 249 47.50 0.75 -48.43
C GLU L 249 46.68 -0.48 -48.02
N TYR L 250 47.27 -1.30 -47.15
CA TYR L 250 46.57 -2.48 -46.67
C TYR L 250 45.44 -2.07 -45.73
N PRO L 251 44.34 -2.82 -45.73
CA PRO L 251 43.23 -2.50 -44.82
C PRO L 251 43.63 -2.69 -43.37
N HIS L 252 43.01 -1.89 -42.51
CA HIS L 252 43.26 -2.01 -41.08
C HIS L 252 42.73 -3.34 -40.54
N ARG L 253 43.52 -3.97 -39.68
CA ARG L 253 43.18 -5.27 -39.12
C ARG L 253 43.25 -5.20 -37.60
N ARG L 254 42.36 -5.94 -36.95
CA ARG L 254 42.28 -5.95 -35.49
C ARG L 254 43.29 -6.93 -34.93
N ILE L 255 44.13 -6.45 -34.02
CA ILE L 255 45.16 -7.27 -33.39
C ILE L 255 44.97 -7.18 -31.88
N ASP L 256 44.88 -8.34 -31.23
CA ASP L 256 44.74 -8.45 -29.79
C ASP L 256 45.89 -9.28 -29.25
N ILE L 257 46.62 -8.74 -28.30
CA ILE L 257 47.78 -9.39 -27.70
C ILE L 257 47.50 -9.57 -26.21
N ARG L 258 47.61 -10.82 -25.74
CA ARG L 258 47.36 -11.15 -24.35
C ARG L 258 48.63 -11.71 -23.74
N LEU L 259 49.00 -11.16 -22.58
CA LEU L 259 50.18 -11.62 -21.84
C LEU L 259 49.73 -12.64 -20.81
N ILE L 260 50.39 -13.80 -20.80
CA ILE L 260 50.00 -14.90 -19.93
C ILE L 260 51.21 -15.35 -19.11
N PRO L 261 51.01 -15.96 -17.95
CA PRO L 261 52.14 -16.45 -17.15
C PRO L 261 52.86 -17.60 -17.85
N LYS L 262 54.11 -17.79 -17.46
CA LYS L 262 54.91 -18.87 -18.02
C LYS L 262 54.30 -20.23 -17.71
N ASP L 263 53.80 -20.41 -16.49
CA ASP L 263 53.09 -21.63 -16.13
C ASP L 263 51.72 -21.72 -16.81
N GLN L 264 51.25 -20.63 -17.42
CA GLN L 264 49.96 -20.62 -18.10
C GLN L 264 50.08 -20.36 -19.60
N TYR L 265 51.27 -20.02 -20.10
CA TYR L 265 51.41 -19.69 -21.51
C TYR L 265 51.13 -20.89 -22.39
N TYR L 266 51.64 -22.07 -22.02
CA TYR L 266 51.43 -23.26 -22.82
C TYR L 266 49.95 -23.65 -22.86
N CYS L 267 49.26 -23.59 -21.71
CA CYS L 267 47.84 -23.90 -21.67
C CYS L 267 47.04 -22.89 -22.48
N GLY L 268 47.38 -21.61 -22.39
CA GLY L 268 46.69 -20.60 -23.19
C GLY L 268 46.90 -20.79 -24.67
N VAL L 269 48.13 -21.14 -25.08
CA VAL L 269 48.43 -21.36 -26.48
C VAL L 269 47.68 -22.58 -26.99
N LEU L 270 47.63 -23.66 -26.18
CA LEU L 270 46.89 -24.85 -26.57
C LEU L 270 45.40 -24.56 -26.70
N TYR L 271 44.84 -23.77 -25.78
CA TYR L 271 43.42 -23.44 -25.83
C TYR L 271 43.10 -22.55 -27.02
N PHE L 272 43.95 -21.56 -27.30
CA PHE L 272 43.67 -20.60 -28.36
C PHE L 272 44.07 -21.11 -29.75
N THR L 273 44.87 -22.17 -29.83
CA THR L 273 45.28 -22.69 -31.14
C THR L 273 44.10 -23.30 -31.88
N GLY L 274 43.15 -23.86 -31.15
CA GLY L 274 41.97 -24.46 -31.75
C GLY L 274 42.17 -25.92 -32.11
N SER L 275 41.12 -26.50 -32.69
CA SER L 275 39.85 -25.80 -32.93
C SER L 275 38.89 -25.99 -31.77
N ASP L 276 37.70 -25.39 -31.89
CA ASP L 276 36.70 -25.51 -30.84
C ASP L 276 36.24 -26.95 -30.68
N ILE L 277 36.02 -27.66 -31.80
CA ILE L 277 35.70 -29.08 -31.72
C ILE L 277 36.88 -29.86 -31.17
N PHE L 278 38.10 -29.51 -31.61
CA PHE L 278 39.30 -30.15 -31.09
C PHE L 278 39.47 -29.87 -29.60
N ASN L 279 39.21 -28.63 -29.17
CA ASN L 279 39.29 -28.30 -27.76
C ASN L 279 38.27 -29.08 -26.93
N LYS L 280 37.04 -29.20 -27.45
CA LYS L 280 36.01 -29.96 -26.74
C LYS L 280 36.39 -31.43 -26.64
N ASN L 281 36.92 -32.00 -27.73
CA ASN L 281 37.36 -33.39 -27.70
C ASN L 281 38.50 -33.59 -26.72
N MET L 282 39.45 -32.65 -26.68
CA MET L 282 40.56 -32.74 -25.75
C MET L 282 40.07 -32.65 -24.30
N ARG L 283 39.13 -31.75 -24.04
CA ARG L 283 38.57 -31.63 -22.69
C ARG L 283 37.83 -32.90 -22.29
N ALA L 284 37.07 -33.48 -23.21
CA ALA L 284 36.36 -34.73 -22.91
C ALA L 284 37.33 -35.88 -22.65
N HIS L 285 38.40 -35.96 -23.44
CA HIS L 285 39.41 -37.00 -23.23
C HIS L 285 40.12 -36.81 -21.90
N ALA L 286 40.43 -35.55 -21.55
CA ALA L 286 41.06 -35.28 -20.25
C ALA L 286 40.15 -35.63 -19.10
N LEU L 287 38.86 -35.31 -19.21
CA LEU L 287 37.90 -35.67 -18.18
C LEU L 287 37.79 -37.19 -18.05
N GLU L 288 37.83 -37.90 -19.19
CA GLU L 288 37.88 -39.36 -19.14
C GLU L 288 39.22 -39.87 -18.64
N LYS L 289 40.27 -39.06 -18.69
CA LYS L 289 41.60 -39.44 -18.23
C LYS L 289 41.89 -38.94 -16.82
N GLY L 290 40.91 -38.35 -16.14
CA GLY L 290 41.13 -37.88 -14.78
C GLY L 290 41.88 -36.58 -14.66
N PHE L 291 41.75 -35.67 -15.63
CA PHE L 291 42.37 -34.37 -15.55
C PHE L 291 41.39 -33.32 -16.06
N THR L 292 41.58 -32.08 -15.61
CA THR L 292 40.78 -30.95 -16.05
C THR L 292 41.70 -29.95 -16.75
N ILE L 293 41.38 -29.64 -18.00
CA ILE L 293 42.20 -28.76 -18.82
C ILE L 293 41.44 -27.46 -19.03
N ASN L 294 42.10 -26.35 -18.72
CA ASN L 294 41.51 -25.03 -18.88
C ASN L 294 42.50 -24.13 -19.62
N GLU L 295 42.08 -22.88 -19.85
CA GLU L 295 42.95 -21.91 -20.50
C GLU L 295 44.10 -21.49 -19.59
N TYR L 296 43.96 -21.67 -18.28
CA TYR L 296 45.01 -21.29 -17.34
C TYR L 296 46.04 -22.39 -17.19
N THR L 297 45.62 -23.57 -16.74
CA THR L 297 46.54 -24.69 -16.58
C THR L 297 45.74 -25.98 -16.64
N ILE L 298 46.39 -27.10 -16.30
CA ILE L 298 45.76 -28.41 -16.23
C ILE L 298 45.90 -28.89 -14.80
N ARG L 299 44.78 -29.34 -14.23
CA ARG L 299 44.76 -29.73 -12.83
C ARG L 299 44.30 -31.18 -12.68
N PRO L 300 44.79 -31.88 -11.66
CA PRO L 300 44.33 -33.24 -11.42
C PRO L 300 42.90 -33.27 -10.91
N LEU L 301 42.20 -34.37 -11.21
CA LEU L 301 40.84 -34.59 -10.76
C LEU L 301 40.82 -35.72 -9.74
N GLY L 302 40.20 -35.48 -8.59
CA GLY L 302 40.12 -36.46 -7.53
C GLY L 302 39.01 -37.48 -7.76
N VAL L 303 38.90 -38.40 -6.80
CA VAL L 303 37.84 -39.40 -6.86
C VAL L 303 36.47 -38.75 -6.70
N THR L 304 36.38 -37.70 -5.88
CA THR L 304 35.14 -36.97 -5.67
C THR L 304 35.01 -35.79 -6.64
N GLY L 305 35.94 -35.64 -7.58
CA GLY L 305 35.88 -34.58 -8.56
C GLY L 305 36.52 -33.27 -8.14
N VAL L 306 37.10 -33.21 -6.94
CA VAL L 306 37.73 -31.97 -6.48
C VAL L 306 39.03 -31.77 -7.26
N ALA L 307 39.18 -30.59 -7.85
CA ALA L 307 40.37 -30.28 -8.63
C ALA L 307 41.53 -29.95 -7.69
N GLY L 308 42.68 -30.54 -7.95
CA GLY L 308 43.87 -30.32 -7.15
C GLY L 308 44.67 -29.14 -7.63
N GLU L 309 45.93 -29.09 -7.20
CA GLU L 309 46.83 -28.04 -7.65
C GLU L 309 47.07 -28.19 -9.15
N PRO L 310 46.98 -27.11 -9.92
CA PRO L 310 47.21 -27.22 -11.37
C PRO L 310 48.62 -27.66 -11.67
N LEU L 311 48.75 -28.53 -12.67
CA LEU L 311 50.07 -29.04 -13.03
C LEU L 311 50.88 -27.98 -13.75
N PRO L 312 52.20 -27.97 -13.57
CA PRO L 312 53.04 -27.05 -14.32
C PRO L 312 52.98 -27.35 -15.81
N VAL L 313 52.98 -26.29 -16.62
CA VAL L 313 52.85 -26.40 -18.06
C VAL L 313 54.08 -25.78 -18.70
N ASP L 314 54.73 -26.53 -19.60
CA ASP L 314 55.88 -26.04 -20.33
C ASP L 314 55.81 -26.24 -21.83
N SER L 315 54.91 -27.08 -22.32
CA SER L 315 54.80 -27.34 -23.75
C SER L 315 53.45 -27.98 -24.05
N GLU L 316 53.05 -27.92 -25.32
CA GLU L 316 51.80 -28.53 -25.74
C GLU L 316 51.89 -30.06 -25.67
N LYS L 317 53.07 -30.61 -25.95
CA LYS L 317 53.24 -32.06 -25.86
C LYS L 317 53.04 -32.54 -24.43
N ASP L 318 53.53 -31.78 -23.45
CA ASP L 318 53.31 -32.12 -22.04
C ASP L 318 51.82 -32.09 -21.70
N ILE L 319 51.10 -31.09 -22.21
CA ILE L 319 49.66 -31.00 -21.96
C ILE L 319 48.93 -32.18 -22.58
N PHE L 320 49.33 -32.58 -23.78
CA PHE L 320 48.72 -33.75 -24.42
C PHE L 320 49.01 -35.02 -23.64
N ASP L 321 50.25 -35.17 -23.16
CA ASP L 321 50.60 -36.35 -22.38
C ASP L 321 49.97 -36.36 -21.00
N TYR L 322 49.57 -35.19 -20.48
CA TYR L 322 48.92 -35.15 -19.18
C TYR L 322 47.57 -35.85 -19.22
N ILE L 323 46.84 -35.72 -20.33
CA ILE L 323 45.54 -36.33 -20.48
C ILE L 323 45.67 -37.69 -21.15
N GLN L 324 46.91 -38.18 -21.25
CA GLN L 324 47.22 -39.47 -21.87
C GLN L 324 46.67 -39.55 -23.29
N TRP L 325 46.97 -38.52 -24.09
CA TRP L 325 46.53 -38.44 -25.48
C TRP L 325 47.71 -38.07 -26.35
N LYS L 326 47.71 -38.58 -27.59
CA LYS L 326 48.77 -38.27 -28.52
C LYS L 326 48.71 -36.80 -28.93
N TYR L 327 49.88 -36.16 -28.95
CA TYR L 327 49.95 -34.76 -29.38
C TYR L 327 49.60 -34.64 -30.85
N ARG L 328 48.74 -33.68 -31.17
CA ARG L 328 48.27 -33.47 -32.54
C ARG L 328 48.75 -32.11 -33.03
N GLU L 329 49.22 -32.07 -34.28
CA GLU L 329 49.66 -30.82 -34.86
C GLU L 329 48.47 -29.89 -35.07
N PRO L 330 48.70 -28.57 -35.04
CA PRO L 330 47.59 -27.62 -35.23
C PRO L 330 46.94 -27.75 -36.60
N LYS L 331 47.67 -28.22 -37.61
CA LYS L 331 47.05 -28.50 -38.90
C LYS L 331 46.06 -29.64 -38.82
N ASP L 332 46.30 -30.60 -37.93
CA ASP L 332 45.40 -31.71 -37.69
C ASP L 332 44.42 -31.43 -36.56
N ARG L 333 44.38 -30.20 -36.05
CA ARG L 333 43.52 -29.82 -34.93
C ARG L 333 42.19 -29.24 -35.40
N SER L 334 41.71 -29.69 -36.57
CA SER L 334 40.40 -29.26 -37.03
C SER L 334 39.29 -29.75 -36.10
N GLU L 335 39.40 -30.98 -35.62
CA GLU L 335 38.42 -31.52 -34.69
C GLU L 335 39.06 -32.53 -33.74
#